data_3UZW
#
_entry.id   3UZW
#
_cell.length_a   50.134
_cell.length_b   110.127
_cell.length_c   129.394
_cell.angle_alpha   90.000
_cell.angle_beta   90.000
_cell.angle_gamma   90.000
#
_symmetry.space_group_name_H-M   'P 21 21 21'
#
loop_
_entity.id
_entity.type
_entity.pdbx_description
1 polymer '3-oxo-5-beta-steroid 4-dehydrogenase'
2 non-polymer 'NADP NICOTINAMIDE-ADENINE-DINUCLEOTIDE PHOSPHATE'
3 non-polymer 'CHLORIDE ION'
4 water water
#
_entity_poly.entity_id   1
_entity_poly.type   'polypeptide(L)'
_entity_poly.pdbx_seq_one_letter_code
;MGSSHHHHHHSSGLVPRGSHMDLSAASHRIPLSDGNSIPIIGLGTYSEPKSTPKGACATSVKVAIDTGYRHIDGAYIYQN
EHEVGEAIREKIAEGKVRREDIFYCGKLWATNHVPEMVRPTLERTLRVLQLDYVDLYIIHVPMAFKPGDEIYPRDENGKW
LYHKSNLCATWEAMEACKDAGLVKSLGVSNFNRRQLELILNKPGLKHKPVSNQVECHPYFTQPKLLKFCQQHDIVITAYS
PLGTSRNPIWVNVSSPPLLKDALLNSLGKRYNKTAAQIVLRFNIQRGVVVIPKSFNLERIKENFQIFDFSLTEEEMKDIE
ALNKNVRFVELLMWRDHPEYPFHDEY
;
_entity_poly.pdbx_strand_id   A,B
#
loop_
_chem_comp.id
_chem_comp.type
_chem_comp.name
_chem_comp.formula
CL non-polymer 'CHLORIDE ION' 'Cl -1'
NAP non-polymer 'NADP NICOTINAMIDE-ADENINE-DINUCLEOTIDE PHOSPHATE' 'C21 H28 N7 O17 P3'
#
# COMPACT_ATOMS: atom_id res chain seq x y z
N ASP A 22 8.82 16.95 22.28
CA ASP A 22 7.59 16.67 21.54
C ASP A 22 7.76 17.02 20.06
N LEU A 23 8.12 18.27 19.78
CA LEU A 23 8.32 18.73 18.41
C LEU A 23 9.63 19.49 18.28
N SER A 24 10.44 19.08 17.29
CA SER A 24 11.68 19.78 16.99
C SER A 24 11.82 19.91 15.49
N ALA A 25 12.81 20.69 15.05
CA ALA A 25 13.07 20.85 13.62
C ALA A 25 13.37 19.49 13.01
N ALA A 26 14.07 18.65 13.76
CA ALA A 26 14.53 17.34 13.27
C ALA A 26 13.44 16.27 13.33
N SER A 27 12.59 16.34 14.34
CA SER A 27 11.56 15.34 14.55
C SER A 27 10.23 15.99 14.94
N HIS A 28 9.34 16.18 13.97
CA HIS A 28 8.07 16.83 14.23
C HIS A 28 6.91 16.16 13.52
N ARG A 29 6.93 14.83 13.44
CA ARG A 29 5.82 14.08 12.87
C ARG A 29 4.82 13.69 13.95
N ILE A 30 3.54 13.73 13.60
CA ILE A 30 2.50 13.29 14.53
C ILE A 30 1.73 12.12 13.94
N PRO A 31 1.13 11.28 14.81
CA PRO A 31 0.54 10.02 14.37
C PRO A 31 -0.77 10.19 13.61
N LEU A 32 -0.95 9.39 12.56
CA LEU A 32 -2.24 9.27 11.91
C LEU A 32 -2.89 7.96 12.32
N SER A 33 -4.20 7.89 12.22
CA SER A 33 -4.95 6.76 12.77
C SER A 33 -4.71 5.43 12.04
N ASP A 34 -4.13 5.47 10.84
CA ASP A 34 -3.84 4.27 10.09
C ASP A 34 -2.43 3.76 10.34
N GLY A 35 -1.75 4.32 11.33
CA GLY A 35 -0.42 3.86 11.68
C GLY A 35 0.72 4.63 11.02
N ASN A 36 0.37 5.50 10.08
CA ASN A 36 1.38 6.32 9.45
C ASN A 36 1.60 7.60 10.28
N SER A 37 2.40 8.53 9.78
CA SER A 37 2.62 9.78 10.51
C SER A 37 2.78 10.97 9.55
N ILE A 38 2.45 12.16 10.03
CA ILE A 38 2.51 13.36 9.18
C ILE A 38 3.36 14.47 9.83
N PRO A 39 4.34 15.01 9.08
CA PRO A 39 5.13 16.12 9.63
C PRO A 39 4.19 17.29 9.92
N ILE A 40 4.34 17.89 11.10
CA ILE A 40 3.39 18.87 11.58
C ILE A 40 3.46 20.22 10.83
N ILE A 41 4.54 20.46 10.10
CA ILE A 41 4.57 21.57 9.15
C ILE A 41 4.89 21.05 7.75
N GLY A 42 4.27 21.67 6.75
CA GLY A 42 4.55 21.36 5.36
C GLY A 42 4.58 22.65 4.54
N LEU A 43 5.09 22.56 3.32
CA LEU A 43 5.08 23.68 2.40
C LEU A 43 3.87 23.58 1.47
N GLY A 44 3.01 24.60 1.48
CA GLY A 44 1.92 24.70 0.52
C GLY A 44 2.45 25.16 -0.82
N THR A 45 1.78 24.76 -1.89
CA THR A 45 2.31 25.04 -3.22
C THR A 45 1.29 25.61 -4.20
N TYR A 46 0.16 26.09 -3.71
CA TYR A 46 -0.73 26.81 -4.61
C TYR A 46 -0.13 28.17 -4.92
N SER A 47 -0.06 28.51 -6.20
CA SER A 47 0.37 29.84 -6.64
C SER A 47 -0.32 30.17 -7.96
N GLU A 48 -0.99 31.31 -8.03
CA GLU A 48 -1.73 31.71 -9.22
C GLU A 48 -0.87 31.55 -10.48
N PRO A 49 -1.25 30.61 -11.36
CA PRO A 49 -0.46 30.29 -12.55
C PRO A 49 -0.07 31.55 -13.31
N LYS A 50 -1.04 32.43 -13.54
CA LYS A 50 -0.80 33.68 -14.24
C LYS A 50 0.43 34.42 -13.73
N SER A 51 0.44 34.74 -12.44
CA SER A 51 1.48 35.60 -11.88
C SER A 51 2.60 34.85 -11.17
N THR A 52 2.88 33.63 -11.61
CA THR A 52 3.97 32.86 -11.04
C THR A 52 4.95 32.41 -12.12
N PRO A 53 6.22 32.82 -11.99
CA PRO A 53 7.24 32.39 -12.96
C PRO A 53 7.33 30.86 -13.00
N LYS A 54 7.54 30.30 -14.19
CA LYS A 54 7.83 28.87 -14.29
C LYS A 54 9.06 28.61 -13.43
N GLY A 55 9.08 27.47 -12.74
CA GLY A 55 10.26 27.09 -11.97
C GLY A 55 10.29 27.57 -10.51
N ALA A 56 9.41 28.51 -10.18
CA ALA A 56 9.36 29.05 -8.84
C ALA A 56 8.96 27.97 -7.83
N CYS A 57 8.07 27.08 -8.25
CA CYS A 57 7.62 26.01 -7.35
C CYS A 57 8.77 25.04 -7.06
N ALA A 58 9.43 24.57 -8.10
CA ALA A 58 10.52 23.61 -7.93
C ALA A 58 11.58 24.18 -7.01
N THR A 59 11.97 25.43 -7.27
CA THR A 59 13.00 26.06 -6.47
C THR A 59 12.60 26.15 -5.00
N SER A 60 11.34 26.47 -4.75
CA SER A 60 10.83 26.60 -3.40
C SER A 60 10.77 25.25 -2.66
N VAL A 61 10.31 24.22 -3.36
CA VAL A 61 10.30 22.90 -2.74
C VAL A 61 11.72 22.47 -2.37
N LYS A 62 12.68 22.70 -3.26
CA LYS A 62 14.08 22.38 -2.93
C LYS A 62 14.61 23.18 -1.74
N VAL A 63 14.40 24.49 -1.74
CA VAL A 63 14.78 25.31 -0.60
C VAL A 63 14.10 24.83 0.68
N ALA A 64 12.81 24.53 0.59
CA ALA A 64 12.08 23.99 1.73
C ALA A 64 12.72 22.71 2.28
N ILE A 65 13.03 21.78 1.40
CA ILE A 65 13.64 20.53 1.85
C ILE A 65 14.99 20.81 2.49
N ASP A 66 15.78 21.69 1.88
CA ASP A 66 17.08 22.07 2.46
C ASP A 66 16.91 22.70 3.83
N THR A 67 15.82 23.43 4.02
CA THR A 67 15.53 24.12 5.28
C THR A 67 15.14 23.14 6.39
N GLY A 68 14.53 22.01 6.00
CA GLY A 68 14.12 21.01 6.98
C GLY A 68 12.69 20.56 6.81
N TYR A 69 11.96 21.19 5.90
CA TYR A 69 10.58 20.74 5.63
C TYR A 69 10.64 19.31 5.11
N ARG A 70 9.68 18.49 5.53
CA ARG A 70 9.60 17.11 5.08
C ARG A 70 8.19 16.76 4.59
N HIS A 71 7.36 17.79 4.43
CA HIS A 71 5.96 17.63 4.03
C HIS A 71 5.67 18.70 2.98
N ILE A 72 5.13 18.27 1.84
CA ILE A 72 4.78 19.19 0.74
C ILE A 72 3.31 18.92 0.42
N ASP A 73 2.53 19.98 0.34
CA ASP A 73 1.12 19.85 0.00
C ASP A 73 0.90 20.43 -1.39
N GLY A 74 0.27 19.66 -2.28
CA GLY A 74 0.13 20.09 -3.65
C GLY A 74 -1.16 19.58 -4.27
N ALA A 75 -1.31 19.79 -5.57
CA ALA A 75 -2.48 19.30 -6.27
C ALA A 75 -2.28 19.43 -7.76
N TYR A 76 -2.75 18.43 -8.49
CA TYR A 76 -2.61 18.45 -9.92
C TYR A 76 -3.16 19.74 -10.52
N ILE A 77 -4.30 20.20 -10.01
CA ILE A 77 -4.92 21.39 -10.58
C ILE A 77 -4.17 22.70 -10.26
N TYR A 78 -3.12 22.61 -9.44
CA TYR A 78 -2.25 23.78 -9.22
C TYR A 78 -1.31 23.98 -10.41
N GLN A 79 -1.29 22.99 -11.30
CA GLN A 79 -0.55 23.07 -12.57
C GLN A 79 0.96 22.99 -12.39
N ASN A 80 1.42 22.69 -11.18
CA ASN A 80 2.85 22.68 -10.92
C ASN A 80 3.36 21.38 -10.31
N GLU A 81 2.54 20.33 -10.36
CA GLU A 81 2.92 19.06 -9.74
C GLU A 81 4.18 18.47 -10.36
N HIS A 82 4.42 18.77 -11.64
CA HIS A 82 5.64 18.30 -12.27
C HIS A 82 6.87 18.97 -11.66
N GLU A 83 6.72 20.23 -11.24
CA GLU A 83 7.80 20.93 -10.55
C GLU A 83 8.00 20.36 -9.14
N VAL A 84 6.89 20.08 -8.45
CA VAL A 84 6.99 19.45 -7.14
C VAL A 84 7.78 18.14 -7.25
N GLY A 85 7.40 17.31 -8.22
CA GLY A 85 8.07 16.03 -8.44
C GLY A 85 9.54 16.21 -8.81
N GLU A 86 9.80 17.18 -9.68
CA GLU A 86 11.16 17.48 -10.09
CA GLU A 86 11.16 17.52 -10.10
C GLU A 86 12.02 17.73 -8.86
N ALA A 87 11.52 18.59 -7.97
CA ALA A 87 12.23 18.99 -6.77
C ALA A 87 12.46 17.85 -5.79
N ILE A 88 11.41 17.08 -5.54
CA ILE A 88 11.51 15.95 -4.63
C ILE A 88 12.48 14.91 -5.16
N ARG A 89 12.41 14.62 -6.46
CA ARG A 89 13.28 13.60 -7.03
C ARG A 89 14.76 14.01 -7.01
N GLU A 90 15.00 15.30 -7.26
CA GLU A 90 16.36 15.84 -7.18
C GLU A 90 16.98 15.66 -5.79
N LYS A 91 16.23 16.02 -4.75
CA LYS A 91 16.73 15.90 -3.38
C LYS A 91 16.94 14.43 -2.96
N ILE A 92 16.09 13.55 -3.46
CA ILE A 92 16.27 12.12 -3.19
C ILE A 92 17.52 11.63 -3.92
N ALA A 93 17.67 12.03 -5.18
CA ALA A 93 18.79 11.57 -5.99
C ALA A 93 20.15 12.00 -5.41
N GLU A 94 20.20 13.19 -4.82
CA GLU A 94 21.48 13.66 -4.27
C GLU A 94 21.74 13.17 -2.84
N GLY A 95 20.77 12.44 -2.29
CA GLY A 95 20.90 11.89 -0.93
C GLY A 95 20.52 12.83 0.21
N LYS A 96 19.81 13.91 -0.09
CA LYS A 96 19.38 14.82 0.96
C LYS A 96 18.31 14.17 1.83
N VAL A 97 17.44 13.38 1.19
CA VAL A 97 16.36 12.68 1.86
C VAL A 97 16.14 11.34 1.16
N ARG A 98 15.57 10.38 1.88
CA ARG A 98 15.06 9.16 1.26
C ARG A 98 13.60 9.43 0.92
N ARG A 99 13.02 8.63 0.03
CA ARG A 99 11.61 8.77 -0.31
C ARG A 99 10.73 8.65 0.95
N GLU A 100 11.12 7.76 1.87
CA GLU A 100 10.30 7.54 3.06
CA GLU A 100 10.34 7.51 3.07
C GLU A 100 10.33 8.72 4.02
N ASP A 101 11.27 9.63 3.82
CA ASP A 101 11.41 10.82 4.67
C ASP A 101 10.50 11.95 4.22
N ILE A 102 9.98 11.85 3.01
CA ILE A 102 9.19 12.93 2.42
C ILE A 102 7.72 12.55 2.45
N PHE A 103 6.86 13.52 2.75
CA PHE A 103 5.43 13.27 2.84
C PHE A 103 4.80 14.19 1.81
N TYR A 104 4.24 13.63 0.73
CA TYR A 104 3.54 14.43 -0.27
C TYR A 104 2.03 14.20 -0.19
N CYS A 105 1.28 15.29 -0.13
CA CYS A 105 -0.17 15.21 -0.18
C CYS A 105 -0.69 15.77 -1.50
N GLY A 106 -1.52 14.98 -2.19
CA GLY A 106 -2.18 15.40 -3.41
C GLY A 106 -3.68 15.36 -3.26
N LYS A 107 -4.42 15.84 -4.25
CA LYS A 107 -5.85 16.04 -4.08
C LYS A 107 -6.66 15.70 -5.32
N LEU A 108 -7.81 15.10 -5.08
CA LEU A 108 -8.74 14.73 -6.15
C LEU A 108 -9.75 15.84 -6.36
N TRP A 109 -9.79 16.41 -7.55
CA TRP A 109 -10.66 17.56 -7.81
C TRP A 109 -12.13 17.18 -8.05
N ALA A 110 -13.00 18.18 -7.93
CA ALA A 110 -14.45 18.02 -8.02
C ALA A 110 -14.93 17.41 -9.34
N THR A 111 -14.14 17.54 -10.40
CA THR A 111 -14.53 17.05 -11.71
C THR A 111 -14.11 15.59 -11.91
N ASN A 112 -13.52 15.02 -10.86
CA ASN A 112 -12.94 13.68 -10.94
C ASN A 112 -13.50 12.75 -9.86
N HIS A 113 -14.74 13.00 -9.47
CA HIS A 113 -15.40 12.26 -8.38
C HIS A 113 -16.09 10.96 -8.82
N VAL A 114 -16.35 10.81 -10.11
CA VAL A 114 -16.95 9.57 -10.61
C VAL A 114 -16.02 8.42 -10.24
N PRO A 115 -16.54 7.41 -9.52
CA PRO A 115 -15.68 6.36 -8.95
C PRO A 115 -14.69 5.78 -9.95
N GLU A 116 -15.12 5.55 -11.18
CA GLU A 116 -14.26 4.99 -12.22
C GLU A 116 -13.08 5.91 -12.56
N MET A 117 -13.21 7.21 -12.29
CA MET A 117 -12.13 8.16 -12.59
C MET A 117 -11.11 8.32 -11.47
N VAL A 118 -11.43 7.86 -10.27
CA VAL A 118 -10.56 8.12 -9.12
C VAL A 118 -9.15 7.56 -9.32
N ARG A 119 -9.03 6.28 -9.64
CA ARG A 119 -7.70 5.68 -9.78
C ARG A 119 -6.92 6.24 -10.99
N PRO A 120 -7.58 6.40 -12.15
CA PRO A 120 -6.84 7.01 -13.26
C PRO A 120 -6.38 8.43 -12.92
N THR A 121 -7.17 9.13 -12.11
CA THR A 121 -6.79 10.48 -11.70
C THR A 121 -5.55 10.46 -10.81
N LEU A 122 -5.53 9.56 -9.82
CA LEU A 122 -4.36 9.40 -8.97
C LEU A 122 -3.14 8.94 -9.79
N GLU A 123 -3.35 7.98 -10.68
CA GLU A 123 -2.25 7.52 -11.54
C GLU A 123 -1.66 8.65 -12.38
N ARG A 124 -2.51 9.58 -12.83
CA ARG A 124 -1.99 10.73 -13.56
C ARG A 124 -1.03 11.53 -12.68
N THR A 125 -1.42 11.79 -11.45
CA THR A 125 -0.56 12.51 -10.51
C THR A 125 0.75 11.78 -10.23
N LEU A 126 0.70 10.46 -10.08
CA LEU A 126 1.93 9.68 -9.85
C LEU A 126 2.88 9.78 -11.04
N ARG A 127 2.31 9.70 -12.25
CA ARG A 127 3.09 9.83 -13.48
C ARG A 127 3.68 11.22 -13.64
N VAL A 128 2.92 12.24 -13.25
CA VAL A 128 3.40 13.63 -13.30
C VAL A 128 4.54 13.86 -12.29
N LEU A 129 4.37 13.33 -11.09
CA LEU A 129 5.39 13.40 -10.05
C LEU A 129 6.57 12.48 -10.36
N GLN A 130 6.30 11.46 -11.18
CA GLN A 130 7.23 10.36 -11.40
C GLN A 130 7.61 9.68 -10.09
N LEU A 131 6.60 9.43 -9.26
CA LEU A 131 6.75 8.70 -8.01
C LEU A 131 5.81 7.47 -7.99
N ASP A 132 6.09 6.52 -7.11
CA ASP A 132 5.34 5.25 -7.07
C ASP A 132 4.09 5.34 -6.22
N TYR A 133 4.07 6.26 -5.27
CA TYR A 133 2.91 6.45 -4.39
C TYR A 133 2.93 7.88 -3.87
N VAL A 134 1.79 8.34 -3.37
CA VAL A 134 1.74 9.58 -2.57
C VAL A 134 1.46 9.18 -1.14
N ASP A 135 1.92 10.00 -0.20
CA ASP A 135 1.72 9.70 1.21
C ASP A 135 0.29 9.93 1.67
N LEU A 136 -0.36 10.94 1.09
CA LEU A 136 -1.73 11.28 1.45
C LEU A 136 -2.46 11.72 0.17
N TYR A 137 -3.67 11.22 -0.01
CA TYR A 137 -4.48 11.64 -1.14
C TYR A 137 -5.85 11.98 -0.60
N ILE A 138 -6.37 13.15 -0.94
CA ILE A 138 -7.59 13.62 -0.29
C ILE A 138 -8.63 14.12 -1.30
N ILE A 139 -9.90 13.96 -0.96
CA ILE A 139 -10.95 14.57 -1.76
C ILE A 139 -10.90 16.08 -1.50
N HIS A 140 -10.58 16.84 -2.54
CA HIS A 140 -10.31 18.28 -2.42
C HIS A 140 -11.51 19.06 -1.86
N VAL A 141 -12.70 18.77 -2.39
CA VAL A 141 -13.94 19.36 -1.89
C VAL A 141 -15.03 18.28 -1.94
N PRO A 142 -16.06 18.39 -1.07
CA PRO A 142 -17.14 17.39 -1.06
C PRO A 142 -18.07 17.54 -2.25
N MET A 143 -17.87 18.57 -3.06
CA MET A 143 -18.74 18.83 -4.21
C MET A 143 -18.22 18.19 -5.50
N ALA A 144 -19.12 17.54 -6.23
CA ALA A 144 -18.77 17.07 -7.57
C ALA A 144 -19.22 18.06 -8.63
N PHE A 145 -18.37 18.30 -9.62
CA PHE A 145 -18.72 19.09 -10.79
C PHE A 145 -18.72 18.18 -12.02
N LYS A 146 -19.16 18.74 -13.15
CA LYS A 146 -19.19 18.02 -14.42
C LYS A 146 -17.80 17.60 -14.91
N PRO A 147 -17.59 16.29 -15.08
CA PRO A 147 -16.31 15.77 -15.56
C PRO A 147 -15.97 16.28 -16.96
N GLY A 148 -14.70 16.59 -17.20
CA GLY A 148 -14.26 17.09 -18.49
C GLY A 148 -12.95 17.88 -18.43
N ASP A 149 -12.61 18.53 -19.54
CA ASP A 149 -11.34 19.21 -19.68
C ASP A 149 -11.27 20.53 -18.90
N GLU A 150 -12.33 20.83 -18.16
CA GLU A 150 -12.40 22.10 -17.43
C GLU A 150 -12.62 21.86 -15.94
N ILE A 151 -11.76 22.44 -15.11
CA ILE A 151 -11.90 22.26 -13.66
C ILE A 151 -13.06 23.10 -13.10
N TYR A 152 -13.43 24.16 -13.81
CA TYR A 152 -14.56 24.98 -13.41
C TYR A 152 -15.64 25.02 -14.50
N PRO A 153 -16.44 23.95 -14.61
CA PRO A 153 -17.46 23.81 -15.66
C PRO A 153 -18.67 24.73 -15.45
N ARG A 154 -18.91 25.63 -16.40
CA ARG A 154 -20.06 26.52 -16.37
C ARG A 154 -20.67 26.65 -17.77
N ASP A 155 -21.96 26.93 -17.84
CA ASP A 155 -22.60 27.17 -19.13
C ASP A 155 -22.42 28.63 -19.57
N GLU A 156 -22.96 28.98 -20.73
CA GLU A 156 -22.84 30.32 -21.29
C GLU A 156 -23.35 31.40 -20.33
N ASN A 157 -24.34 31.04 -19.50
CA ASN A 157 -24.90 31.95 -18.52
C ASN A 157 -24.05 32.00 -17.25
N GLY A 158 -23.03 31.15 -17.19
CA GLY A 158 -22.15 31.10 -16.04
C GLY A 158 -22.72 30.27 -14.91
N LYS A 159 -23.73 29.47 -15.23
CA LYS A 159 -24.31 28.56 -14.26
C LYS A 159 -23.31 27.43 -13.99
N TRP A 160 -23.05 27.17 -12.72
CA TRP A 160 -22.13 26.11 -12.33
C TRP A 160 -22.74 24.75 -12.61
N LEU A 161 -22.06 23.98 -13.47
CA LEU A 161 -22.54 22.66 -13.87
C LEU A 161 -22.26 21.61 -12.80
N TYR A 162 -23.24 21.42 -11.91
CA TYR A 162 -23.09 20.51 -10.79
C TYR A 162 -23.42 19.07 -11.17
N HIS A 163 -22.57 18.17 -10.69
CA HIS A 163 -22.78 16.75 -10.85
C HIS A 163 -23.44 16.20 -9.59
N LYS A 164 -24.52 15.44 -9.77
CA LYS A 164 -25.21 14.76 -8.66
C LYS A 164 -24.40 13.54 -8.27
N SER A 165 -23.72 13.60 -7.13
CA SER A 165 -22.73 12.58 -6.82
C SER A 165 -22.88 11.89 -5.46
N ASN A 166 -22.21 10.74 -5.35
CA ASN A 166 -22.25 9.90 -4.17
C ASN A 166 -20.89 9.87 -3.48
N LEU A 167 -20.76 10.60 -2.39
CA LEU A 167 -19.49 10.68 -1.68
C LEU A 167 -18.95 9.31 -1.26
N CYS A 168 -19.83 8.44 -0.78
CA CYS A 168 -19.41 7.10 -0.34
C CYS A 168 -18.85 6.27 -1.50
N ALA A 169 -19.45 6.38 -2.67
CA ALA A 169 -18.96 5.64 -3.83
C ALA A 169 -17.60 6.18 -4.25
N THR A 170 -17.42 7.50 -4.14
CA THR A 170 -16.12 8.09 -4.42
C THR A 170 -15.08 7.57 -3.44
N TRP A 171 -15.46 7.49 -2.17
CA TRP A 171 -14.57 7.05 -1.11
C TRP A 171 -14.14 5.60 -1.31
N GLU A 172 -15.08 4.76 -1.71
CA GLU A 172 -14.77 3.36 -1.99
C GLU A 172 -13.67 3.25 -3.04
N ALA A 173 -13.75 4.12 -4.05
CA ALA A 173 -12.76 4.16 -5.11
C ALA A 173 -11.40 4.62 -4.56
N MET A 174 -11.44 5.55 -3.60
CA MET A 174 -10.23 5.98 -2.91
C MET A 174 -9.64 4.81 -2.14
N GLU A 175 -10.48 4.05 -1.44
CA GLU A 175 -10.03 2.90 -0.67
C GLU A 175 -9.30 1.89 -1.55
N ALA A 176 -9.80 1.69 -2.77
CA ALA A 176 -9.16 0.79 -3.73
C ALA A 176 -7.73 1.24 -4.08
N CYS A 177 -7.51 2.56 -4.13
CA CYS A 177 -6.18 3.10 -4.39
C CYS A 177 -5.20 2.80 -3.25
N LYS A 178 -5.65 2.89 -2.01
CA LYS A 178 -4.79 2.50 -0.89
C LYS A 178 -4.54 1.00 -0.94
N ASP A 179 -5.59 0.23 -1.19
CA ASP A 179 -5.47 -1.23 -1.30
C ASP A 179 -4.40 -1.63 -2.31
N ALA A 180 -4.30 -0.86 -3.39
CA ALA A 180 -3.35 -1.13 -4.47
C ALA A 180 -1.94 -0.66 -4.18
N GLY A 181 -1.75 0.03 -3.05
CA GLY A 181 -0.42 0.52 -2.68
C GLY A 181 -0.04 1.87 -3.29
N LEU A 182 -0.99 2.53 -3.94
CA LEU A 182 -0.71 3.77 -4.68
C LEU A 182 -0.67 5.02 -3.79
N VAL A 183 -1.16 4.86 -2.56
CA VAL A 183 -1.21 5.94 -1.58
C VAL A 183 -1.22 5.34 -0.17
N LYS A 184 -0.47 5.94 0.74
CA LYS A 184 -0.39 5.41 2.11
C LYS A 184 -1.58 5.75 2.97
N SER A 185 -2.07 6.99 2.86
CA SER A 185 -3.16 7.48 3.71
C SER A 185 -4.25 8.19 2.91
N LEU A 186 -5.49 8.07 3.39
CA LEU A 186 -6.61 8.71 2.72
C LEU A 186 -7.23 9.79 3.61
N GLY A 187 -7.62 10.90 3.00
CA GLY A 187 -8.27 11.97 3.75
C GLY A 187 -9.23 12.77 2.92
N VAL A 188 -9.71 13.87 3.48
CA VAL A 188 -10.67 14.71 2.82
C VAL A 188 -10.31 16.16 3.08
N SER A 189 -11.02 17.07 2.45
CA SER A 189 -10.76 18.49 2.61
C SER A 189 -12.07 19.25 2.43
N ASN A 190 -12.26 20.28 3.25
CA ASN A 190 -13.46 21.10 3.19
C ASN A 190 -14.72 20.27 3.47
N PHE A 191 -14.58 19.25 4.31
CA PHE A 191 -15.73 18.44 4.74
C PHE A 191 -16.27 18.96 6.06
N ASN A 192 -17.59 19.05 6.18
CA ASN A 192 -18.20 19.36 7.48
C ASN A 192 -18.50 18.10 8.27
N ARG A 193 -19.03 18.26 9.47
CA ARG A 193 -19.31 17.14 10.35
C ARG A 193 -20.21 16.10 9.69
N ARG A 194 -21.28 16.57 9.05
CA ARG A 194 -22.24 15.67 8.42
C ARG A 194 -21.56 14.86 7.34
N GLN A 195 -20.78 15.54 6.50
CA GLN A 195 -20.06 14.88 5.41
C GLN A 195 -19.04 13.87 5.92
N LEU A 196 -18.34 14.21 7.00
CA LEU A 196 -17.42 13.26 7.65
C LEU A 196 -18.17 12.03 8.16
N GLU A 197 -19.34 12.29 8.75
CA GLU A 197 -20.19 11.22 9.28
C GLU A 197 -20.66 10.28 8.16
N LEU A 198 -20.95 10.82 7.00
CA LEU A 198 -21.41 10.02 5.88
C LEU A 198 -20.40 8.92 5.59
N ILE A 199 -19.14 9.31 5.55
CA ILE A 199 -18.04 8.37 5.32
C ILE A 199 -17.80 7.49 6.53
N LEU A 200 -17.66 8.09 7.71
CA LEU A 200 -17.38 7.34 8.92
C LEU A 200 -18.43 6.27 9.19
N ASN A 201 -19.64 6.50 8.68
CA ASN A 201 -20.76 5.60 8.92
C ASN A 201 -21.05 4.69 7.73
N LYS A 202 -20.19 4.74 6.73
CA LYS A 202 -20.41 3.96 5.53
C LYS A 202 -20.48 2.47 5.83
N PRO A 203 -21.46 1.78 5.22
CA PRO A 203 -21.55 0.32 5.34
C PRO A 203 -20.25 -0.32 4.82
N GLY A 204 -19.61 -1.14 5.66
CA GLY A 204 -18.42 -1.85 5.23
C GLY A 204 -17.25 -0.91 4.93
N LEU A 205 -17.13 0.13 5.74
CA LEU A 205 -16.00 1.05 5.64
C LEU A 205 -14.71 0.27 5.89
N LYS A 206 -13.72 0.46 5.02
CA LYS A 206 -12.46 -0.25 5.17
C LYS A 206 -11.34 0.66 5.68
N HIS A 207 -11.31 1.90 5.20
CA HIS A 207 -10.28 2.85 5.59
C HIS A 207 -10.94 4.19 5.92
N LYS A 208 -10.90 4.57 7.19
CA LYS A 208 -11.44 5.87 7.59
C LYS A 208 -10.51 7.02 7.17
N PRO A 209 -11.10 8.19 6.92
CA PRO A 209 -10.25 9.35 6.61
C PRO A 209 -9.37 9.63 7.83
N VAL A 210 -8.09 9.89 7.61
CA VAL A 210 -7.18 10.17 8.72
C VAL A 210 -6.94 11.67 8.87
N SER A 211 -7.40 12.44 7.89
CA SER A 211 -7.11 13.88 7.84
C SER A 211 -8.27 14.65 7.26
N ASN A 212 -8.49 15.87 7.76
CA ASN A 212 -9.41 16.82 7.14
C ASN A 212 -8.67 18.13 6.98
N GLN A 213 -8.50 18.57 5.73
CA GLN A 213 -7.78 19.81 5.45
C GLN A 213 -8.79 20.94 5.28
N VAL A 214 -8.74 21.91 6.19
CA VAL A 214 -9.68 23.01 6.18
C VAL A 214 -8.98 24.31 6.57
N GLU A 215 -9.58 25.45 6.21
CA GLU A 215 -9.04 26.74 6.64
C GLU A 215 -8.94 26.77 8.16
N CYS A 216 -7.77 27.13 8.69
CA CYS A 216 -7.60 27.22 10.15
C CYS A 216 -6.46 28.15 10.57
N HIS A 217 -6.77 29.03 11.51
CA HIS A 217 -5.86 30.10 11.97
C HIS A 217 -6.57 30.88 13.09
N PRO A 218 -5.88 31.83 13.75
CA PRO A 218 -6.50 32.48 14.90
C PRO A 218 -7.80 33.25 14.65
N TYR A 219 -8.11 33.66 13.41
CA TYR A 219 -9.39 34.32 13.13
C TYR A 219 -10.50 33.32 12.81
N PHE A 220 -10.11 32.07 12.60
CA PHE A 220 -11.06 31.00 12.34
C PHE A 220 -10.46 29.71 12.85
N THR A 221 -10.62 29.46 14.15
CA THR A 221 -9.89 28.40 14.86
C THR A 221 -10.56 27.03 14.83
N GLN A 222 -11.73 26.95 14.19
CA GLN A 222 -12.39 25.68 13.98
C GLN A 222 -12.63 24.89 15.27
N PRO A 223 -13.15 25.54 16.32
CA PRO A 223 -13.27 24.81 17.58
C PRO A 223 -14.20 23.58 17.50
N LYS A 224 -15.34 23.71 16.85
CA LYS A 224 -16.29 22.59 16.79
C LYS A 224 -15.81 21.44 15.91
N LEU A 225 -15.25 21.78 14.76
CA LEU A 225 -14.76 20.76 13.82
C LEU A 225 -13.52 20.06 14.37
N LEU A 226 -12.69 20.82 15.07
CA LEU A 226 -11.49 20.25 15.69
C LEU A 226 -11.87 19.25 16.78
N LYS A 227 -12.82 19.64 17.62
CA LYS A 227 -13.30 18.75 18.68
C LYS A 227 -13.82 17.46 18.05
N PHE A 228 -14.69 17.59 17.05
CA PHE A 228 -15.26 16.43 16.39
C PHE A 228 -14.18 15.51 15.81
N CYS A 229 -13.24 16.10 15.07
CA CYS A 229 -12.18 15.30 14.45
C CYS A 229 -11.32 14.62 15.50
N GLN A 230 -10.95 15.35 16.54
CA GLN A 230 -10.15 14.77 17.61
C GLN A 230 -10.84 13.53 18.20
N GLN A 231 -12.16 13.57 18.32
CA GLN A 231 -12.92 12.45 18.89
C GLN A 231 -12.94 11.25 17.97
N HIS A 232 -12.75 11.48 16.67
CA HIS A 232 -12.70 10.40 15.70
C HIS A 232 -11.29 10.12 15.20
N ASP A 233 -10.30 10.64 15.91
CA ASP A 233 -8.91 10.40 15.56
CA ASP A 233 -8.90 10.40 15.56
C ASP A 233 -8.59 10.88 14.15
N ILE A 234 -9.19 11.99 13.76
CA ILE A 234 -8.89 12.64 12.49
C ILE A 234 -8.06 13.88 12.79
N VAL A 235 -6.93 14.02 12.11
CA VAL A 235 -6.05 15.18 12.30
C VAL A 235 -6.46 16.30 11.38
N ILE A 236 -6.57 17.51 11.91
CA ILE A 236 -6.83 18.68 11.08
C ILE A 236 -5.55 19.21 10.45
N THR A 237 -5.59 19.45 9.15
CA THR A 237 -4.53 20.19 8.49
C THR A 237 -5.05 21.58 8.18
N ALA A 238 -4.36 22.58 8.72
CA ALA A 238 -4.73 23.98 8.51
C ALA A 238 -4.22 24.51 7.18
N TYR A 239 -5.11 24.63 6.20
CA TYR A 239 -4.77 25.37 5.00
C TYR A 239 -5.00 26.86 5.22
N SER A 240 -4.37 27.68 4.38
CA SER A 240 -4.31 29.12 4.58
C SER A 240 -4.04 29.47 6.05
N PRO A 241 -3.02 28.83 6.64
CA PRO A 241 -2.72 29.04 8.07
C PRO A 241 -2.14 30.42 8.35
N LEU A 242 -1.74 31.13 7.30
CA LEU A 242 -1.26 32.50 7.48
C LEU A 242 -2.33 33.50 7.08
N GLY A 243 -3.55 33.02 6.85
CA GLY A 243 -4.65 33.88 6.45
C GLY A 243 -4.78 34.19 4.97
N THR A 244 -4.18 33.36 4.12
CA THR A 244 -4.24 33.50 2.65
C THR A 244 -3.38 34.62 2.04
N SER A 245 -3.27 34.60 0.73
CA SER A 245 -2.57 35.64 -0.01
C SER A 245 -3.53 36.78 -0.30
N ARG A 246 -4.74 36.67 0.26
CA ARG A 246 -5.73 37.73 0.15
C ARG A 246 -6.04 38.16 -1.29
N ASN A 247 -6.11 37.18 -2.19
CA ASN A 247 -6.55 37.40 -3.56
C ASN A 247 -8.07 37.57 -3.63
N PRO A 248 -8.54 38.72 -4.14
CA PRO A 248 -9.96 39.11 -4.16
C PRO A 248 -10.87 38.12 -4.89
N ILE A 249 -10.29 37.21 -5.67
CA ILE A 249 -11.06 36.17 -6.34
C ILE A 249 -11.62 35.15 -5.34
N TRP A 250 -10.86 34.87 -4.29
CA TRP A 250 -11.24 33.85 -3.31
C TRP A 250 -11.52 34.46 -1.96
N VAL A 251 -10.87 35.60 -1.70
CA VAL A 251 -10.85 36.18 -0.36
C VAL A 251 -11.58 37.51 -0.29
N ASN A 252 -12.21 37.77 0.85
CA ASN A 252 -12.92 39.03 1.06
CA ASN A 252 -12.92 39.00 1.11
C ASN A 252 -11.98 40.11 1.57
N VAL A 253 -11.23 40.67 0.63
CA VAL A 253 -10.19 41.67 0.90
C VAL A 253 -10.57 42.76 1.90
N SER A 254 -11.86 42.98 2.12
CA SER A 254 -12.32 44.01 3.05
C SER A 254 -11.88 43.72 4.48
N SER A 255 -11.87 42.44 4.83
CA SER A 255 -11.53 41.99 6.18
C SER A 255 -10.12 42.43 6.60
N PRO A 256 -9.90 42.59 7.91
CA PRO A 256 -8.56 42.91 8.42
C PRO A 256 -7.59 41.74 8.19
N PRO A 257 -6.40 42.02 7.62
CA PRO A 257 -5.40 40.99 7.34
C PRO A 257 -4.95 40.33 8.62
N LEU A 258 -4.91 39.00 8.64
CA LEU A 258 -4.55 38.26 9.84
C LEU A 258 -3.19 38.69 10.41
N LEU A 259 -2.21 38.91 9.55
CA LEU A 259 -0.84 39.12 10.02
C LEU A 259 -0.61 40.52 10.57
N LYS A 260 -1.62 41.38 10.49
CA LYS A 260 -1.52 42.73 11.03
C LYS A 260 -2.17 42.82 12.40
N ASP A 261 -2.74 41.72 12.87
CA ASP A 261 -3.40 41.70 14.18
C ASP A 261 -2.50 42.22 15.29
N ALA A 262 -3.06 43.08 16.15
CA ALA A 262 -2.30 43.71 17.22
C ALA A 262 -1.69 42.70 18.19
N LEU A 263 -2.50 41.76 18.67
CA LEU A 263 -2.02 40.79 19.65
C LEU A 263 -0.91 39.90 19.06
N LEU A 264 -1.12 39.41 17.83
CA LEU A 264 -0.15 38.51 17.21
C LEU A 264 1.19 39.22 17.01
N ASN A 265 1.11 40.49 16.63
CA ASN A 265 2.31 41.29 16.44
C ASN A 265 2.97 41.62 17.78
N SER A 266 2.15 41.88 18.79
CA SER A 266 2.65 42.13 20.14
C SER A 266 3.37 40.90 20.70
N LEU A 267 2.76 39.72 20.56
CA LEU A 267 3.38 38.49 20.99
C LEU A 267 4.67 38.23 20.19
N GLY A 268 4.65 38.59 18.91
CA GLY A 268 5.85 38.53 18.08
C GLY A 268 7.02 39.30 18.68
N LYS A 269 6.76 40.53 19.12
CA LYS A 269 7.83 41.34 19.72
C LYS A 269 8.39 40.63 20.95
N ARG A 270 7.51 40.07 21.76
CA ARG A 270 7.93 39.41 22.99
CA ARG A 270 7.91 39.40 22.99
C ARG A 270 8.94 38.29 22.73
N TYR A 271 8.68 37.50 21.70
CA TYR A 271 9.55 36.37 21.36
C TYR A 271 10.58 36.66 20.26
N ASN A 272 10.59 37.90 19.78
CA ASN A 272 11.35 38.28 18.59
C ASN A 272 11.01 37.38 17.40
N LYS A 273 9.72 37.14 17.23
CA LYS A 273 9.19 36.37 16.11
C LYS A 273 8.20 37.23 15.35
N THR A 274 7.91 36.86 14.10
CA THR A 274 6.93 37.60 13.33
C THR A 274 5.53 37.10 13.66
N ALA A 275 4.52 37.87 13.31
CA ALA A 275 3.14 37.42 13.52
C ALA A 275 2.93 36.08 12.83
N ALA A 276 3.50 35.92 11.63
CA ALA A 276 3.42 34.63 10.91
C ALA A 276 3.92 33.46 11.75
N GLN A 277 5.06 33.65 12.40
CA GLN A 277 5.63 32.58 13.23
C GLN A 277 4.78 32.29 14.47
N ILE A 278 4.15 33.34 15.00
CA ILE A 278 3.29 33.18 16.16
C ILE A 278 2.07 32.35 15.76
N VAL A 279 1.49 32.73 14.63
CA VAL A 279 0.29 32.06 14.11
C VAL A 279 0.54 30.57 13.82
N LEU A 280 1.70 30.26 13.25
CA LEU A 280 2.05 28.88 12.95
C LEU A 280 2.29 28.09 14.23
N ARG A 281 3.05 28.68 15.14
CA ARG A 281 3.32 28.05 16.43
C ARG A 281 2.00 27.72 17.14
N PHE A 282 1.07 28.68 17.14
CA PHE A 282 -0.22 28.47 17.79
C PHE A 282 -0.90 27.17 17.32
N ASN A 283 -1.00 26.98 16.01
CA ASN A 283 -1.68 25.79 15.51
C ASN A 283 -0.94 24.48 15.75
N ILE A 284 0.37 24.47 15.52
CA ILE A 284 1.09 23.22 15.75
C ILE A 284 1.08 22.85 17.23
N GLN A 285 1.06 23.87 18.10
CA GLN A 285 1.14 23.60 19.53
C GLN A 285 -0.09 22.88 20.04
N ARG A 286 -1.21 23.03 19.34
CA ARG A 286 -2.40 22.28 19.67
C ARG A 286 -2.62 21.09 18.74
N GLY A 287 -1.56 20.65 18.08
CA GLY A 287 -1.59 19.45 17.26
C GLY A 287 -2.30 19.57 15.91
N VAL A 288 -2.38 20.80 15.40
CA VAL A 288 -2.94 21.03 14.09
C VAL A 288 -1.80 21.21 13.07
N VAL A 289 -1.84 20.43 11.99
CA VAL A 289 -0.82 20.51 10.94
C VAL A 289 -0.95 21.84 10.19
N VAL A 290 0.17 22.51 9.91
CA VAL A 290 0.13 23.75 9.14
C VAL A 290 0.91 23.63 7.84
N ILE A 291 0.35 24.18 6.75
CA ILE A 291 0.98 24.10 5.43
C ILE A 291 1.14 25.47 4.78
N PRO A 292 1.83 26.39 5.46
CA PRO A 292 2.01 27.73 4.89
C PRO A 292 2.67 27.66 3.53
N LYS A 293 2.19 28.46 2.59
CA LYS A 293 2.84 28.57 1.29
C LYS A 293 3.74 29.79 1.25
N SER A 294 4.95 29.60 0.71
CA SER A 294 5.81 30.72 0.37
C SER A 294 6.75 30.28 -0.72
N PHE A 295 6.93 31.11 -1.74
CA PHE A 295 7.93 30.87 -2.78
C PHE A 295 9.06 31.89 -2.63
N ASN A 296 9.14 32.49 -1.45
CA ASN A 296 10.19 33.44 -1.12
C ASN A 296 11.22 32.80 -0.19
N LEU A 297 12.48 32.80 -0.63
CA LEU A 297 13.57 32.20 0.12
C LEU A 297 13.58 32.54 1.61
N GLU A 298 13.48 33.83 1.94
CA GLU A 298 13.54 34.26 3.33
C GLU A 298 12.34 33.77 4.14
N ARG A 299 11.15 33.88 3.54
CA ARG A 299 9.91 33.50 4.22
C ARG A 299 9.72 31.97 4.35
N ILE A 300 10.22 31.20 3.39
CA ILE A 300 10.23 29.75 3.54
C ILE A 300 11.00 29.39 4.82
N LYS A 301 12.17 30.00 4.99
CA LYS A 301 12.98 29.76 6.19
C LYS A 301 12.30 30.29 7.44
N GLU A 302 11.77 31.50 7.39
CA GLU A 302 11.10 32.08 8.55
C GLU A 302 9.97 31.17 9.07
N ASN A 303 9.10 30.71 8.18
CA ASN A 303 7.97 29.88 8.58
C ASN A 303 8.36 28.58 9.28
N PHE A 304 9.55 28.07 8.98
CA PHE A 304 10.01 26.83 9.58
C PHE A 304 10.59 27.03 10.98
N GLN A 305 10.99 28.25 11.32
CA GLN A 305 11.63 28.50 12.62
C GLN A 305 10.61 28.66 13.73
N ILE A 306 9.86 27.60 14.00
CA ILE A 306 8.78 27.67 14.99
C ILE A 306 8.90 26.59 16.06
N PHE A 307 10.10 26.03 16.20
CA PHE A 307 10.32 24.95 17.16
C PHE A 307 11.23 25.36 18.32
N ASP A 308 11.73 26.59 18.28
CA ASP A 308 12.66 27.09 19.30
C ASP A 308 11.99 28.04 20.28
N PHE A 309 10.67 27.94 20.40
CA PHE A 309 9.94 28.68 21.43
C PHE A 309 8.58 28.04 21.61
N SER A 310 7.90 28.37 22.70
CA SER A 310 6.53 27.91 22.87
C SER A 310 5.67 29.03 23.43
N LEU A 311 4.37 28.90 23.27
CA LEU A 311 3.43 29.89 23.76
C LEU A 311 2.91 29.39 25.11
N THR A 312 2.75 30.29 26.06
CA THR A 312 2.23 29.94 27.38
C THR A 312 0.74 29.62 27.29
N GLU A 313 0.21 28.90 28.28
CA GLU A 313 -1.23 28.61 28.31
C GLU A 313 -2.06 29.88 28.11
N GLU A 314 -1.66 30.96 28.76
CA GLU A 314 -2.42 32.22 28.67
C GLU A 314 -2.34 32.83 27.28
N GLU A 315 -1.16 32.73 26.64
CA GLU A 315 -1.01 33.23 25.29
C GLU A 315 -1.85 32.41 24.33
N MET A 316 -1.85 31.10 24.50
CA MET A 316 -2.67 30.22 23.66
C MET A 316 -4.14 30.60 23.82
N LYS A 317 -4.55 30.90 25.04
CA LYS A 317 -5.93 31.27 25.32
C LYS A 317 -6.28 32.60 24.67
N ASP A 318 -5.38 33.57 24.78
CA ASP A 318 -5.60 34.87 24.16
C ASP A 318 -5.66 34.81 22.64
N ILE A 319 -4.81 33.97 22.03
CA ILE A 319 -4.83 33.82 20.58
C ILE A 319 -6.11 33.12 20.13
N GLU A 320 -6.44 32.01 20.80
CA GLU A 320 -7.67 31.30 20.47
CA GLU A 320 -7.68 31.28 20.55
C GLU A 320 -8.88 32.23 20.58
N ALA A 321 -8.81 33.19 21.49
CA ALA A 321 -9.90 34.16 21.68
C ALA A 321 -9.99 35.17 20.53
N LEU A 322 -9.01 35.16 19.63
CA LEU A 322 -9.08 36.03 18.46
C LEU A 322 -10.08 35.47 17.46
N ASN A 323 -10.49 34.22 17.69
CA ASN A 323 -11.43 33.56 16.80
C ASN A 323 -12.62 34.44 16.46
N LYS A 324 -12.86 34.63 15.17
CA LYS A 324 -13.97 35.46 14.72
C LYS A 324 -15.13 34.63 14.18
N ASN A 325 -14.90 33.33 14.01
CA ASN A 325 -15.85 32.48 13.31
C ASN A 325 -16.29 33.08 11.97
N VAL A 326 -15.34 33.74 11.32
CA VAL A 326 -15.52 34.25 9.96
C VAL A 326 -14.40 33.71 9.07
N ARG A 327 -14.75 33.17 7.90
CA ARG A 327 -13.77 32.57 6.99
C ARG A 327 -13.20 33.57 6.01
N PHE A 328 -11.93 33.41 5.66
CA PHE A 328 -11.37 34.14 4.53
C PHE A 328 -11.81 33.49 3.23
N VAL A 329 -11.89 32.16 3.23
CA VAL A 329 -12.28 31.41 2.03
C VAL A 329 -13.69 30.82 2.18
N GLU A 330 -14.68 31.54 1.65
CA GLU A 330 -16.08 31.16 1.84
C GLU A 330 -16.66 30.34 0.69
N LEU A 331 -16.01 30.42 -0.48
CA LEU A 331 -16.47 29.71 -1.67
C LEU A 331 -17.94 29.99 -1.96
N LEU A 332 -18.32 31.27 -1.96
CA LEU A 332 -19.72 31.66 -2.12
C LEU A 332 -20.27 31.34 -3.50
N MET A 333 -19.37 31.23 -4.48
CA MET A 333 -19.76 30.89 -5.85
C MET A 333 -20.42 29.51 -5.91
N TRP A 334 -20.25 28.72 -4.85
CA TRP A 334 -20.75 27.34 -4.81
C TRP A 334 -21.74 27.13 -3.67
N ARG A 335 -22.19 28.23 -3.07
CA ARG A 335 -23.04 28.15 -1.88
C ARG A 335 -24.34 27.36 -2.08
N ASP A 336 -24.80 27.24 -3.31
CA ASP A 336 -26.04 26.53 -3.57
C ASP A 336 -25.85 25.06 -3.94
N HIS A 337 -24.59 24.62 -4.04
CA HIS A 337 -24.32 23.22 -4.35
C HIS A 337 -24.86 22.35 -3.24
N PRO A 338 -25.51 21.24 -3.60
CA PRO A 338 -26.07 20.30 -2.62
C PRO A 338 -25.07 19.96 -1.51
N GLU A 339 -23.78 19.99 -1.83
CA GLU A 339 -22.73 19.59 -0.89
C GLU A 339 -21.86 20.74 -0.41
N TYR A 340 -22.28 21.97 -0.65
CA TYR A 340 -21.61 23.12 -0.06
C TYR A 340 -21.41 22.87 1.43
N PRO A 341 -20.17 22.93 1.92
CA PRO A 341 -19.87 22.47 3.27
C PRO A 341 -20.09 23.51 4.38
N PHE A 342 -20.24 24.79 4.04
CA PHE A 342 -20.17 25.85 5.04
C PHE A 342 -21.51 26.42 5.51
N HIS A 343 -22.62 25.89 5.01
CA HIS A 343 -23.92 26.28 5.55
C HIS A 343 -24.03 25.87 7.01
N ASP A 344 -23.85 24.57 7.28
CA ASP A 344 -23.94 24.03 8.63
C ASP A 344 -23.02 24.79 9.59
N GLU A 345 -23.33 24.72 10.89
CA GLU A 345 -22.50 25.33 11.92
C GLU A 345 -21.05 24.88 11.80
N TYR A 346 -20.85 23.57 11.83
CA TYR A 346 -19.51 23.01 11.64
C TYR A 346 -19.60 21.68 10.89
N ASP B 22 7.48 -34.50 16.08
CA ASP B 22 7.89 -33.98 14.77
C ASP B 22 6.89 -32.94 14.23
N LEU B 23 5.68 -33.40 13.92
CA LEU B 23 4.64 -32.52 13.38
C LEU B 23 3.31 -32.69 14.09
N SER B 24 2.75 -31.59 14.57
CA SER B 24 1.42 -31.59 15.15
C SER B 24 0.67 -30.34 14.69
N ALA B 25 -0.62 -30.28 15.01
CA ALA B 25 -1.42 -29.10 14.69
C ALA B 25 -0.84 -27.83 15.33
N ALA B 26 -0.30 -27.97 16.55
CA ALA B 26 0.18 -26.81 17.30
C ALA B 26 1.63 -26.43 16.96
N SER B 27 2.39 -27.40 16.48
CA SER B 27 3.80 -27.17 16.22
C SER B 27 4.23 -27.97 14.99
N HIS B 28 4.27 -27.31 13.84
CA HIS B 28 4.63 -27.99 12.61
C HIS B 28 5.54 -27.16 11.72
N ARG B 29 6.44 -26.40 12.33
CA ARG B 29 7.43 -25.63 11.58
C ARG B 29 8.66 -26.47 11.30
N ILE B 30 9.19 -26.36 10.09
CA ILE B 30 10.42 -27.07 9.74
C ILE B 30 11.49 -26.05 9.42
N PRO B 31 12.77 -26.41 9.66
CA PRO B 31 13.89 -25.47 9.55
C PRO B 31 14.22 -25.02 8.11
N LEU B 32 14.58 -23.76 7.98
CA LEU B 32 15.12 -23.22 6.74
C LEU B 32 16.61 -23.00 6.95
N SER B 33 17.38 -23.04 5.87
CA SER B 33 18.84 -23.01 5.98
C SER B 33 19.40 -21.71 6.58
N ASP B 34 18.59 -20.64 6.59
CA ASP B 34 19.05 -19.36 7.11
C ASP B 34 18.77 -19.20 8.61
N GLY B 35 18.26 -20.25 9.25
CA GLY B 35 17.98 -20.20 10.68
C GLY B 35 16.53 -19.88 11.00
N ASN B 36 15.77 -19.53 9.97
CA ASN B 36 14.35 -19.30 10.19
CA ASN B 36 14.33 -19.29 10.11
C ASN B 36 13.61 -20.63 10.04
N SER B 37 12.29 -20.61 10.17
CA SER B 37 11.52 -21.85 10.01
C SER B 37 10.21 -21.55 9.31
N ILE B 38 9.61 -22.57 8.71
CA ILE B 38 8.39 -22.36 7.94
C ILE B 38 7.33 -23.38 8.36
N PRO B 39 6.09 -22.91 8.62
CA PRO B 39 5.03 -23.88 8.89
C PRO B 39 4.77 -24.79 7.69
N ILE B 40 4.68 -26.09 7.93
CA ILE B 40 4.69 -27.07 6.85
C ILE B 40 3.40 -27.08 6.03
N ILE B 41 2.36 -26.43 6.54
CA ILE B 41 1.15 -26.20 5.76
C ILE B 41 0.82 -24.71 5.79
N GLY B 42 0.39 -24.19 4.66
CA GLY B 42 -0.06 -22.80 4.59
C GLY B 42 -1.32 -22.71 3.77
N LEU B 43 -2.00 -21.57 3.85
CA LEU B 43 -3.16 -21.34 3.00
C LEU B 43 -2.74 -20.61 1.73
N GLY B 44 -3.02 -21.19 0.56
CA GLY B 44 -2.78 -20.51 -0.69
C GLY B 44 -3.88 -19.50 -0.95
N THR B 45 -3.59 -18.42 -1.67
CA THR B 45 -4.57 -17.34 -1.85
C THR B 45 -4.81 -16.92 -3.30
N TYR B 46 -4.32 -17.69 -4.26
CA TYR B 46 -4.67 -17.36 -5.63
C TYR B 46 -6.15 -17.66 -5.86
N SER B 47 -6.87 -16.70 -6.44
CA SER B 47 -8.25 -16.90 -6.83
C SER B 47 -8.52 -16.03 -8.06
N GLU B 48 -9.25 -16.56 -9.03
CA GLU B 48 -9.46 -15.83 -10.28
C GLU B 48 -10.16 -14.51 -9.97
N PRO B 49 -9.49 -13.38 -10.29
CA PRO B 49 -9.93 -12.04 -9.87
C PRO B 49 -11.31 -11.69 -10.42
N LYS B 50 -11.50 -11.84 -11.73
CA LYS B 50 -12.76 -11.43 -12.36
C LYS B 50 -13.98 -12.07 -11.72
N SER B 51 -13.83 -13.30 -11.24
CA SER B 51 -14.98 -14.06 -10.77
C SER B 51 -15.05 -14.26 -9.26
N THR B 52 -14.04 -13.79 -8.52
CA THR B 52 -14.04 -13.98 -7.07
C THR B 52 -14.64 -12.78 -6.33
N PRO B 53 -15.60 -13.03 -5.43
CA PRO B 53 -16.20 -11.97 -4.63
C PRO B 53 -15.19 -11.24 -3.75
N LYS B 54 -15.28 -9.92 -3.69
CA LYS B 54 -14.45 -9.13 -2.78
C LYS B 54 -14.71 -9.57 -1.35
N GLY B 55 -13.63 -9.66 -0.55
CA GLY B 55 -13.74 -10.06 0.84
C GLY B 55 -13.57 -11.56 1.11
N ALA B 56 -13.69 -12.38 0.07
CA ALA B 56 -13.60 -13.83 0.22
C ALA B 56 -12.23 -14.25 0.73
N CYS B 57 -11.18 -13.63 0.20
CA CYS B 57 -9.83 -13.92 0.66
C CYS B 57 -9.65 -13.53 2.13
N ALA B 58 -10.07 -12.32 2.47
CA ALA B 58 -9.97 -11.88 3.86
C ALA B 58 -10.71 -12.83 4.81
N THR B 59 -11.93 -13.20 4.46
CA THR B 59 -12.70 -14.12 5.32
C THR B 59 -11.93 -15.43 5.47
N SER B 60 -11.37 -15.91 4.37
CA SER B 60 -10.69 -17.20 4.34
C SER B 60 -9.42 -17.22 5.18
N VAL B 61 -8.65 -16.15 5.11
CA VAL B 61 -7.43 -16.04 5.90
C VAL B 61 -7.74 -16.00 7.40
N LYS B 62 -8.78 -15.28 7.78
CA LYS B 62 -9.19 -15.26 9.19
C LYS B 62 -9.65 -16.65 9.66
N VAL B 63 -10.46 -17.32 8.84
CA VAL B 63 -10.89 -18.68 9.15
C VAL B 63 -9.71 -19.65 9.30
N ALA B 64 -8.77 -19.60 8.36
CA ALA B 64 -7.55 -20.39 8.44
C ALA B 64 -6.76 -20.14 9.72
N ILE B 65 -6.58 -18.87 10.06
CA ILE B 65 -5.86 -18.54 11.30
C ILE B 65 -6.61 -19.08 12.53
N ASP B 66 -7.94 -18.94 12.56
CA ASP B 66 -8.73 -19.50 13.65
C ASP B 66 -8.57 -21.01 13.71
N THR B 67 -8.50 -21.64 12.55
CA THR B 67 -8.35 -23.10 12.42
C THR B 67 -6.99 -23.59 12.90
N GLY B 68 -5.98 -22.74 12.78
CA GLY B 68 -4.65 -23.08 13.24
C GLY B 68 -3.53 -22.87 12.21
N TYR B 69 -3.88 -22.44 11.00
CA TYR B 69 -2.85 -22.15 10.00
C TYR B 69 -2.02 -20.97 10.50
N ARG B 70 -0.72 -21.02 10.25
CA ARG B 70 0.20 -19.94 10.62
C ARG B 70 1.04 -19.47 9.42
N HIS B 71 0.69 -19.96 8.24
CA HIS B 71 1.44 -19.67 7.02
C HIS B 71 0.44 -19.30 5.95
N ILE B 72 0.66 -18.16 5.29
CA ILE B 72 -0.19 -17.71 4.19
C ILE B 72 0.68 -17.45 2.96
N ASP B 73 0.27 -17.98 1.81
CA ASP B 73 1.01 -17.75 0.57
C ASP B 73 0.21 -16.82 -0.35
N GLY B 74 0.84 -15.72 -0.77
CA GLY B 74 0.16 -14.75 -1.60
C GLY B 74 1.06 -14.07 -2.61
N ALA B 75 0.53 -13.06 -3.27
CA ALA B 75 1.30 -12.26 -4.21
C ALA B 75 0.52 -11.01 -4.55
N TYR B 76 1.23 -9.91 -4.76
CA TYR B 76 0.60 -8.68 -5.23
C TYR B 76 -0.26 -8.93 -6.49
N ILE B 77 0.25 -9.72 -7.43
CA ILE B 77 -0.47 -9.94 -8.68
C ILE B 77 -1.73 -10.79 -8.54
N TYR B 78 -1.97 -11.37 -7.36
CA TYR B 78 -3.22 -12.08 -7.13
C TYR B 78 -4.37 -11.09 -6.94
N GLN B 79 -4.02 -9.80 -6.86
CA GLN B 79 -5.01 -8.71 -6.72
C GLN B 79 -5.76 -8.69 -5.39
N ASN B 80 -5.38 -9.55 -4.45
CA ASN B 80 -6.04 -9.61 -3.16
C ASN B 80 -5.06 -9.54 -2.00
N GLU B 81 -3.86 -9.04 -2.25
CA GLU B 81 -2.85 -9.03 -1.19
C GLU B 81 -3.25 -8.11 -0.03
N HIS B 82 -4.03 -7.08 -0.32
CA HIS B 82 -4.53 -6.21 0.75
C HIS B 82 -5.51 -6.94 1.69
N GLU B 83 -6.29 -7.86 1.14
CA GLU B 83 -7.20 -8.66 1.94
C GLU B 83 -6.42 -9.59 2.86
N VAL B 84 -5.33 -10.16 2.36
CA VAL B 84 -4.44 -10.95 3.21
C VAL B 84 -3.96 -10.13 4.41
N GLY B 85 -3.50 -8.91 4.14
CA GLY B 85 -2.96 -8.06 5.18
C GLY B 85 -4.03 -7.63 6.17
N GLU B 86 -5.23 -7.34 5.68
CA GLU B 86 -6.34 -6.96 6.54
CA GLU B 86 -6.32 -6.95 6.56
C GLU B 86 -6.62 -8.07 7.55
N ALA B 87 -6.69 -9.30 7.05
CA ALA B 87 -6.98 -10.46 7.89
C ALA B 87 -5.90 -10.73 8.94
N ILE B 88 -4.63 -10.68 8.51
CA ILE B 88 -3.54 -10.90 9.44
C ILE B 88 -3.56 -9.84 10.54
N ARG B 89 -3.72 -8.59 10.15
CA ARG B 89 -3.74 -7.50 11.12
C ARG B 89 -4.95 -7.60 12.05
N GLU B 90 -6.10 -7.96 11.50
CA GLU B 90 -7.30 -8.20 12.31
C GLU B 90 -7.03 -9.23 13.41
N LYS B 91 -6.36 -10.32 13.06
CA LYS B 91 -6.12 -11.40 14.01
C LYS B 91 -5.03 -11.05 15.03
N ILE B 92 -4.04 -10.27 14.63
CA ILE B 92 -3.03 -9.79 15.58
C ILE B 92 -3.70 -8.85 16.58
N ALA B 93 -4.56 -7.97 16.07
CA ALA B 93 -5.24 -6.99 16.91
C ALA B 93 -6.17 -7.66 17.92
N GLU B 94 -6.78 -8.78 17.53
CA GLU B 94 -7.70 -9.45 18.43
C GLU B 94 -6.96 -10.40 19.37
N GLY B 95 -5.63 -10.40 19.26
CA GLY B 95 -4.79 -11.17 20.17
C GLY B 95 -4.80 -12.66 19.91
N LYS B 96 -5.30 -13.06 18.73
CA LYS B 96 -5.30 -14.47 18.37
C LYS B 96 -3.88 -14.96 18.07
N VAL B 97 -3.07 -14.09 17.46
CA VAL B 97 -1.67 -14.39 17.16
C VAL B 97 -0.83 -13.12 17.30
N ARG B 98 0.49 -13.31 17.40
CA ARG B 98 1.41 -12.20 17.29
C ARG B 98 1.96 -12.21 15.88
N ARG B 99 2.59 -11.10 15.47
CA ARG B 99 3.19 -11.03 14.13
C ARG B 99 4.22 -12.12 13.96
N GLU B 100 4.97 -12.41 15.01
CA GLU B 100 6.05 -13.40 14.95
C GLU B 100 5.54 -14.82 14.72
N ASP B 101 4.25 -15.05 14.98
CA ASP B 101 3.65 -16.37 14.82
C ASP B 101 3.16 -16.63 13.40
N ILE B 102 3.05 -15.56 12.62
CA ILE B 102 2.52 -15.65 11.25
C ILE B 102 3.62 -15.60 10.22
N PHE B 103 3.53 -16.48 9.22
CA PHE B 103 4.53 -16.57 8.14
C PHE B 103 3.85 -16.16 6.84
N TYR B 104 4.18 -14.98 6.31
CA TYR B 104 3.65 -14.61 5.00
C TYR B 104 4.72 -14.71 3.91
N CYS B 105 4.37 -15.36 2.81
CA CYS B 105 5.23 -15.42 1.61
C CYS B 105 4.63 -14.58 0.49
N GLY B 106 5.40 -13.63 -0.01
CA GLY B 106 5.03 -12.82 -1.16
C GLY B 106 5.97 -13.13 -2.31
N LYS B 107 5.66 -12.61 -3.50
CA LYS B 107 6.42 -12.96 -4.71
C LYS B 107 6.70 -11.76 -5.62
N LEU B 108 7.92 -11.72 -6.15
CA LEU B 108 8.34 -10.71 -7.11
C LEU B 108 8.00 -11.17 -8.53
N TRP B 109 7.14 -10.43 -9.22
CA TRP B 109 6.70 -10.84 -10.56
C TRP B 109 7.75 -10.61 -11.67
N ALA B 110 7.54 -11.26 -12.82
CA ALA B 110 8.48 -11.24 -13.95
C ALA B 110 8.82 -9.82 -14.46
N THR B 111 7.87 -8.91 -14.37
CA THR B 111 8.10 -7.57 -14.90
C THR B 111 8.96 -6.74 -13.96
N ASN B 112 9.33 -7.33 -12.83
CA ASN B 112 10.02 -6.57 -11.80
C ASN B 112 11.39 -7.14 -11.45
N HIS B 113 12.01 -7.80 -12.43
CA HIS B 113 13.32 -8.44 -12.23
C HIS B 113 14.50 -7.46 -12.30
N VAL B 114 14.32 -6.31 -12.94
CA VAL B 114 15.43 -5.34 -13.01
C VAL B 114 15.86 -4.98 -11.59
N PRO B 115 17.16 -5.12 -11.28
CA PRO B 115 17.58 -5.02 -9.88
C PRO B 115 17.05 -3.77 -9.16
N GLU B 116 17.10 -2.63 -9.83
CA GLU B 116 16.68 -1.37 -9.23
C GLU B 116 15.18 -1.35 -8.85
N MET B 117 14.40 -2.26 -9.45
CA MET B 117 12.97 -2.32 -9.19
C MET B 117 12.56 -3.27 -8.06
N VAL B 118 13.51 -4.07 -7.59
CA VAL B 118 13.18 -5.10 -6.60
C VAL B 118 12.73 -4.52 -5.27
N ARG B 119 13.54 -3.64 -4.67
CA ARG B 119 13.16 -3.09 -3.37
C ARG B 119 11.87 -2.25 -3.44
N PRO B 120 11.73 -1.42 -4.49
CA PRO B 120 10.49 -0.64 -4.60
C PRO B 120 9.27 -1.55 -4.74
N THR B 121 9.44 -2.70 -5.38
CA THR B 121 8.33 -3.63 -5.56
C THR B 121 7.96 -4.29 -4.23
N LEU B 122 8.97 -4.69 -3.44
CA LEU B 122 8.70 -5.23 -2.12
C LEU B 122 8.03 -4.17 -1.24
N GLU B 123 8.54 -2.95 -1.30
CA GLU B 123 7.95 -1.84 -0.53
C GLU B 123 6.47 -1.63 -0.84
N ARG B 124 6.09 -1.78 -2.12
CA ARG B 124 4.69 -1.71 -2.51
C ARG B 124 3.88 -2.75 -1.76
N THR B 125 4.37 -3.98 -1.77
CA THR B 125 3.70 -5.07 -1.06
C THR B 125 3.57 -4.82 0.44
N LEU B 126 4.60 -4.22 1.02
CA LEU B 126 4.54 -3.87 2.44
C LEU B 126 3.49 -2.77 2.69
N ARG B 127 3.35 -1.82 1.77
CA ARG B 127 2.25 -0.83 1.87
C ARG B 127 0.90 -1.54 1.81
N VAL B 128 0.75 -2.38 0.80
CA VAL B 128 -0.49 -3.10 0.60
C VAL B 128 -0.87 -3.91 1.86
N LEU B 129 0.10 -4.64 2.40
CA LEU B 129 -0.11 -5.44 3.60
C LEU B 129 -0.28 -4.59 4.87
N GLN B 130 0.23 -3.36 4.83
CA GLN B 130 0.42 -2.58 6.03
C GLN B 130 1.24 -3.34 7.08
N LEU B 131 2.30 -3.99 6.62
CA LEU B 131 3.26 -4.66 7.51
C LEU B 131 4.68 -4.13 7.25
N ASP B 132 5.59 -4.38 8.20
CA ASP B 132 6.97 -3.88 8.12
C ASP B 132 7.93 -4.81 7.38
N TYR B 133 7.60 -6.10 7.32
CA TYR B 133 8.44 -7.08 6.63
C TYR B 133 7.57 -8.25 6.17
N VAL B 134 8.06 -9.02 5.21
CA VAL B 134 7.42 -10.31 4.90
C VAL B 134 8.35 -11.42 5.37
N ASP B 135 7.81 -12.60 5.62
CA ASP B 135 8.63 -13.69 6.12
C ASP B 135 9.46 -14.35 5.03
N LEU B 136 8.90 -14.42 3.83
CA LEU B 136 9.59 -15.03 2.70
C LEU B 136 9.25 -14.23 1.45
N TYR B 137 10.25 -13.86 0.68
CA TYR B 137 10.01 -13.18 -0.59
C TYR B 137 10.74 -13.97 -1.67
N ILE B 138 10.01 -14.35 -2.71
CA ILE B 138 10.54 -15.25 -3.72
C ILE B 138 10.39 -14.68 -5.15
N ILE B 139 11.34 -15.01 -6.00
CA ILE B 139 11.24 -14.70 -7.41
C ILE B 139 10.22 -15.67 -7.99
N HIS B 140 9.08 -15.12 -8.43
CA HIS B 140 7.93 -15.91 -8.89
C HIS B 140 8.24 -16.85 -10.06
N VAL B 141 8.95 -16.33 -11.06
CA VAL B 141 9.39 -17.11 -12.20
C VAL B 141 10.81 -16.69 -12.55
N PRO B 142 11.60 -17.61 -13.15
CA PRO B 142 12.96 -17.24 -13.57
C PRO B 142 12.97 -16.37 -14.83
N MET B 143 11.80 -16.13 -15.41
CA MET B 143 11.71 -15.35 -16.64
C MET B 143 11.47 -13.87 -16.39
N ALA B 144 12.28 -13.02 -17.01
CA ALA B 144 12.11 -11.57 -16.88
C ALA B 144 11.25 -11.06 -18.02
N PHE B 145 10.26 -10.24 -17.68
CA PHE B 145 9.38 -9.64 -18.69
C PHE B 145 9.68 -8.14 -18.80
N LYS B 146 9.19 -7.53 -19.87
CA LYS B 146 9.31 -6.07 -20.01
C LYS B 146 8.78 -5.34 -18.78
N PRO B 147 9.63 -4.49 -18.18
CA PRO B 147 9.20 -3.65 -17.05
C PRO B 147 8.00 -2.81 -17.44
N GLY B 148 7.15 -2.45 -16.48
CA GLY B 148 6.00 -1.60 -16.76
C GLY B 148 4.81 -1.96 -15.90
N ASP B 149 3.67 -1.36 -16.22
CA ASP B 149 2.44 -1.58 -15.47
C ASP B 149 1.76 -2.89 -15.85
N GLU B 150 1.96 -3.32 -17.08
CA GLU B 150 1.33 -4.55 -17.56
C GLU B 150 2.06 -5.79 -17.05
N ILE B 151 1.34 -6.60 -16.28
CA ILE B 151 1.87 -7.84 -15.72
C ILE B 151 2.10 -8.88 -16.83
N TYR B 152 1.27 -8.82 -17.87
CA TYR B 152 1.37 -9.75 -18.99
C TYR B 152 1.58 -8.97 -20.29
N PRO B 153 2.74 -8.30 -20.41
CA PRO B 153 3.00 -7.41 -21.55
C PRO B 153 3.10 -8.14 -22.88
N ARG B 154 2.26 -7.76 -23.83
CA ARG B 154 2.33 -8.30 -25.19
C ARG B 154 2.22 -7.15 -26.19
N ASP B 155 2.92 -7.24 -27.30
CA ASP B 155 2.82 -6.19 -28.33
C ASP B 155 1.51 -6.34 -29.10
N GLU B 156 1.27 -5.44 -30.03
CA GLU B 156 0.01 -5.40 -30.78
C GLU B 156 -0.27 -6.71 -31.53
N ASN B 157 0.80 -7.44 -31.83
CA ASN B 157 0.69 -8.71 -32.56
C ASN B 157 0.63 -9.95 -31.64
N GLY B 158 0.41 -9.71 -30.35
CA GLY B 158 0.30 -10.79 -29.38
C GLY B 158 1.62 -11.43 -28.98
N LYS B 159 2.74 -10.84 -29.39
CA LYS B 159 4.03 -11.37 -28.98
C LYS B 159 4.37 -10.90 -27.58
N TRP B 160 4.84 -11.83 -26.76
CA TRP B 160 5.20 -11.52 -25.38
C TRP B 160 6.40 -10.60 -25.30
N LEU B 161 6.26 -9.54 -24.50
CA LEU B 161 7.35 -8.60 -24.29
C LEU B 161 8.26 -9.03 -23.14
N TYR B 162 9.46 -9.49 -23.48
CA TYR B 162 10.41 -9.99 -22.49
C TYR B 162 11.53 -9.01 -22.18
N HIS B 163 12.34 -9.36 -21.19
CA HIS B 163 13.54 -8.59 -20.86
C HIS B 163 14.68 -9.58 -20.72
N LYS B 164 15.91 -9.12 -20.92
CA LYS B 164 17.06 -10.00 -20.70
C LYS B 164 17.09 -10.44 -19.24
N SER B 165 17.10 -11.75 -19.01
CA SER B 165 17.16 -12.28 -17.64
C SER B 165 18.57 -12.13 -17.10
N ASN B 166 18.68 -11.67 -15.86
CA ASN B 166 19.96 -11.65 -15.17
C ASN B 166 19.71 -12.08 -13.73
N LEU B 167 19.56 -13.39 -13.54
CA LEU B 167 19.12 -13.93 -12.27
C LEU B 167 20.05 -13.60 -11.12
N CYS B 168 21.36 -13.62 -11.38
CA CYS B 168 22.31 -13.30 -10.32
C CYS B 168 22.19 -11.85 -9.85
N ALA B 169 22.01 -10.92 -10.80
CA ALA B 169 21.84 -9.52 -10.43
C ALA B 169 20.51 -9.27 -9.71
N THR B 170 19.45 -9.94 -10.17
CA THR B 170 18.16 -9.87 -9.47
C THR B 170 18.31 -10.43 -8.05
N TRP B 171 19.08 -11.51 -7.92
CA TRP B 171 19.24 -12.12 -6.60
C TRP B 171 20.00 -11.20 -5.64
N GLU B 172 21.01 -10.50 -6.16
CA GLU B 172 21.71 -9.53 -5.32
C GLU B 172 20.76 -8.45 -4.80
N ALA B 173 19.79 -8.05 -5.60
CA ALA B 173 18.84 -7.02 -5.18
C ALA B 173 17.92 -7.59 -4.11
N MET B 174 17.58 -8.87 -4.24
CA MET B 174 16.82 -9.57 -3.21
C MET B 174 17.63 -9.61 -1.92
N GLU B 175 18.90 -9.97 -2.03
CA GLU B 175 19.78 -10.02 -0.86
C GLU B 175 19.81 -8.69 -0.10
N ALA B 176 19.80 -7.58 -0.83
CA ALA B 176 19.83 -6.25 -0.23
C ALA B 176 18.54 -5.96 0.53
N CYS B 177 17.43 -6.48 0.03
CA CYS B 177 16.16 -6.39 0.73
C CYS B 177 16.21 -7.08 2.08
N LYS B 178 16.86 -8.23 2.14
CA LYS B 178 16.97 -8.94 3.40
C LYS B 178 17.87 -8.17 4.37
N ASP B 179 18.98 -7.67 3.87
CA ASP B 179 19.91 -6.90 4.71
C ASP B 179 19.19 -5.70 5.31
N ALA B 180 18.28 -5.11 4.56
CA ALA B 180 17.56 -3.93 5.00
C ALA B 180 16.42 -4.27 5.95
N GLY B 181 16.23 -5.56 6.24
CA GLY B 181 15.20 -5.98 7.17
C GLY B 181 13.78 -5.97 6.62
N LEU B 182 13.62 -5.87 5.31
CA LEU B 182 12.29 -5.85 4.72
C LEU B 182 11.70 -7.25 4.55
N VAL B 183 12.56 -8.26 4.66
CA VAL B 183 12.14 -9.65 4.44
C VAL B 183 13.07 -10.55 5.24
N LYS B 184 12.52 -11.60 5.85
CA LYS B 184 13.30 -12.48 6.71
C LYS B 184 14.10 -13.52 5.91
N SER B 185 13.44 -14.18 4.96
CA SER B 185 14.08 -15.24 4.19
C SER B 185 13.82 -15.07 2.70
N LEU B 186 14.77 -15.51 1.88
CA LEU B 186 14.68 -15.36 0.43
C LEU B 186 14.52 -16.71 -0.28
N GLY B 187 13.67 -16.75 -1.30
CA GLY B 187 13.49 -17.98 -2.07
C GLY B 187 13.23 -17.76 -3.55
N VAL B 188 12.89 -18.85 -4.24
CA VAL B 188 12.58 -18.80 -5.66
C VAL B 188 11.35 -19.64 -5.95
N SER B 189 10.89 -19.62 -7.21
CA SER B 189 9.71 -20.36 -7.61
C SER B 189 9.79 -20.70 -9.10
N ASN B 190 9.44 -21.92 -9.44
CA ASN B 190 9.52 -22.40 -10.82
C ASN B 190 10.96 -22.39 -11.35
N PHE B 191 11.92 -22.54 -10.45
CA PHE B 191 13.31 -22.66 -10.88
C PHE B 191 13.66 -24.11 -11.15
N ASN B 192 14.39 -24.37 -12.23
CA ASN B 192 14.91 -25.71 -12.49
C ASN B 192 16.31 -25.84 -11.91
N ARG B 193 16.96 -26.98 -12.13
CA ARG B 193 18.24 -27.24 -11.49
C ARG B 193 19.29 -26.25 -11.96
N ARG B 194 19.33 -26.00 -13.26
CA ARG B 194 20.28 -25.05 -13.83
C ARG B 194 20.15 -23.67 -13.22
N GLN B 195 18.90 -23.20 -13.10
CA GLN B 195 18.64 -21.88 -12.54
C GLN B 195 19.00 -21.78 -11.06
N LEU B 196 18.66 -22.81 -10.28
CA LEU B 196 19.13 -22.89 -8.90
C LEU B 196 20.65 -22.80 -8.80
N GLU B 197 21.34 -23.56 -9.66
CA GLU B 197 22.81 -23.59 -9.66
C GLU B 197 23.44 -22.24 -10.01
N LEU B 198 22.79 -21.49 -10.89
CA LEU B 198 23.29 -20.16 -11.24
C LEU B 198 23.44 -19.31 -9.99
N ILE B 199 22.46 -19.43 -9.10
CA ILE B 199 22.48 -18.67 -7.86
C ILE B 199 23.43 -19.30 -6.84
N LEU B 200 23.34 -20.63 -6.68
CA LEU B 200 24.17 -21.32 -5.70
C LEU B 200 25.66 -21.11 -5.97
N ASN B 201 26.01 -20.94 -7.24
CA ASN B 201 27.41 -20.87 -7.65
C ASN B 201 27.89 -19.44 -7.92
N LYS B 202 27.02 -18.47 -7.64
CA LYS B 202 27.32 -17.07 -7.87
C LYS B 202 28.48 -16.61 -6.98
N PRO B 203 29.48 -15.93 -7.56
CA PRO B 203 30.56 -15.37 -6.75
C PRO B 203 29.99 -14.37 -5.73
N GLY B 204 30.47 -14.44 -4.49
CA GLY B 204 30.04 -13.48 -3.49
C GLY B 204 28.61 -13.70 -3.00
N LEU B 205 28.09 -14.90 -3.21
CA LEU B 205 26.78 -15.27 -2.69
C LEU B 205 26.71 -14.95 -1.19
N LYS B 206 25.69 -14.21 -0.77
CA LYS B 206 25.54 -13.85 0.64
C LYS B 206 24.43 -14.65 1.29
N HIS B 207 23.32 -14.80 0.57
CA HIS B 207 22.17 -15.53 1.10
C HIS B 207 21.68 -16.55 0.10
N LYS B 208 21.83 -17.82 0.46
CA LYS B 208 21.33 -18.95 -0.29
C LYS B 208 19.81 -18.92 -0.38
N PRO B 209 19.24 -19.34 -1.53
CA PRO B 209 17.78 -19.51 -1.51
C PRO B 209 17.40 -20.60 -0.52
N VAL B 210 16.38 -20.36 0.29
CA VAL B 210 15.98 -21.34 1.30
C VAL B 210 14.87 -22.24 0.81
N SER B 211 14.20 -21.82 -0.25
CA SER B 211 12.99 -22.50 -0.70
C SER B 211 12.84 -22.38 -2.21
N ASN B 212 12.25 -23.40 -2.84
CA ASN B 212 11.89 -23.35 -4.25
C ASN B 212 10.44 -23.81 -4.33
N GLN B 213 9.55 -22.91 -4.73
CA GLN B 213 8.13 -23.22 -4.77
C GLN B 213 7.75 -23.69 -6.17
N VAL B 214 7.30 -24.95 -6.27
CA VAL B 214 7.06 -25.59 -7.56
C VAL B 214 5.82 -26.46 -7.46
N GLU B 215 5.21 -26.76 -8.60
CA GLU B 215 4.09 -27.68 -8.64
C GLU B 215 4.51 -29.04 -8.07
N CYS B 216 3.74 -29.58 -7.13
CA CYS B 216 4.09 -30.88 -6.57
C CYS B 216 2.89 -31.54 -5.92
N HIS B 217 2.64 -32.78 -6.32
CA HIS B 217 1.47 -33.56 -5.88
C HIS B 217 1.66 -34.97 -6.46
N PRO B 218 0.75 -35.91 -6.13
CA PRO B 218 0.99 -37.28 -6.58
C PRO B 218 1.06 -37.50 -8.10
N TYR B 219 0.49 -36.62 -8.93
CA TYR B 219 0.62 -36.80 -10.36
C TYR B 219 1.91 -36.16 -10.92
N PHE B 220 2.55 -35.31 -10.12
CA PHE B 220 3.84 -34.72 -10.50
C PHE B 220 4.70 -34.61 -9.24
N THR B 221 5.38 -35.70 -8.90
CA THR B 221 6.00 -35.85 -7.58
C THR B 221 7.35 -35.17 -7.44
N GLN B 222 7.91 -34.74 -8.56
CA GLN B 222 9.19 -34.03 -8.55
C GLN B 222 10.36 -34.85 -7.96
N PRO B 223 10.50 -36.12 -8.37
CA PRO B 223 11.54 -36.97 -7.76
C PRO B 223 12.94 -36.35 -7.81
N LYS B 224 13.36 -35.89 -8.99
CA LYS B 224 14.74 -35.47 -9.16
C LYS B 224 15.01 -34.07 -8.62
N LEU B 225 14.06 -33.16 -8.82
CA LEU B 225 14.23 -31.81 -8.26
C LEU B 225 14.20 -31.83 -6.73
N LEU B 226 13.33 -32.65 -6.14
CA LEU B 226 13.29 -32.76 -4.69
C LEU B 226 14.63 -33.27 -4.15
N LYS B 227 15.12 -34.33 -4.77
CA LYS B 227 16.40 -34.90 -4.36
C LYS B 227 17.49 -33.84 -4.41
N PHE B 228 17.56 -33.11 -5.51
CA PHE B 228 18.58 -32.07 -5.65
C PHE B 228 18.42 -30.99 -4.59
N CYS B 229 17.19 -30.53 -4.38
CA CYS B 229 16.95 -29.50 -3.37
C CYS B 229 17.32 -29.99 -1.97
N GLN B 230 16.95 -31.22 -1.64
CA GLN B 230 17.30 -31.80 -0.35
C GLN B 230 18.80 -31.79 -0.14
N GLN B 231 19.53 -32.18 -1.19
CA GLN B 231 20.98 -32.25 -1.14
C GLN B 231 21.63 -30.89 -0.96
N HIS B 232 20.88 -29.83 -1.31
CA HIS B 232 21.40 -28.48 -1.17
C HIS B 232 20.71 -27.66 -0.07
N ASP B 233 19.97 -28.33 0.79
CA ASP B 233 19.34 -27.67 1.95
C ASP B 233 18.32 -26.62 1.49
N ILE B 234 17.60 -26.94 0.42
CA ILE B 234 16.53 -26.11 -0.09
C ILE B 234 15.23 -26.85 0.13
N VAL B 235 14.27 -26.20 0.77
CA VAL B 235 12.99 -26.84 1.03
C VAL B 235 12.08 -26.64 -0.16
N ILE B 236 11.36 -27.69 -0.55
CA ILE B 236 10.37 -27.53 -1.59
C ILE B 236 9.02 -27.15 -0.99
N THR B 237 8.41 -26.11 -1.56
CA THR B 237 7.04 -25.78 -1.26
C THR B 237 6.18 -26.22 -2.45
N ALA B 238 5.24 -27.12 -2.18
CA ALA B 238 4.35 -27.63 -3.23
C ALA B 238 3.22 -26.65 -3.49
N TYR B 239 3.29 -25.94 -4.61
CA TYR B 239 2.11 -25.22 -5.04
C TYR B 239 1.14 -26.14 -5.80
N SER B 240 -0.11 -25.72 -5.92
CA SER B 240 -1.17 -26.58 -6.44
C SER B 240 -1.07 -27.99 -5.86
N PRO B 241 -0.98 -28.12 -4.52
CA PRO B 241 -0.76 -29.45 -3.92
C PRO B 241 -1.99 -30.34 -4.02
N LEU B 242 -3.14 -29.74 -4.36
CA LEU B 242 -4.39 -30.49 -4.57
C LEU B 242 -4.71 -30.68 -6.05
N GLY B 243 -3.79 -30.30 -6.93
CA GLY B 243 -3.96 -30.52 -8.36
C GLY B 243 -4.62 -29.36 -9.11
N THR B 244 -4.65 -28.19 -8.48
CA THR B 244 -5.21 -26.94 -9.04
C THR B 244 -6.74 -26.87 -9.04
N SER B 245 -7.26 -25.68 -9.33
CA SER B 245 -8.68 -25.48 -9.52
C SER B 245 -9.14 -25.95 -10.91
N ARG B 246 -8.19 -26.37 -11.73
CA ARG B 246 -8.46 -26.86 -13.08
C ARG B 246 -9.05 -25.77 -13.98
N ASN B 247 -8.69 -24.52 -13.73
CA ASN B 247 -9.03 -23.43 -14.64
C ASN B 247 -8.21 -23.52 -15.94
N PRO B 248 -8.89 -23.69 -17.08
CA PRO B 248 -8.27 -23.84 -18.39
C PRO B 248 -7.40 -22.64 -18.83
N ILE B 249 -7.45 -21.53 -18.10
CA ILE B 249 -6.55 -20.41 -18.42
C ILE B 249 -5.09 -20.82 -18.19
N TRP B 250 -4.87 -21.55 -17.10
CA TRP B 250 -3.52 -21.93 -16.69
C TRP B 250 -3.30 -23.43 -16.74
N VAL B 251 -4.40 -24.18 -16.70
CA VAL B 251 -4.30 -25.60 -16.39
C VAL B 251 -4.44 -26.55 -17.56
N ASN B 252 -3.43 -27.41 -17.67
CA ASN B 252 -3.44 -28.55 -18.55
C ASN B 252 -4.44 -29.56 -18.02
N VAL B 253 -5.64 -29.58 -18.60
CA VAL B 253 -6.71 -30.45 -18.10
C VAL B 253 -6.63 -31.88 -18.66
N SER B 254 -5.46 -32.23 -19.21
CA SER B 254 -5.22 -33.55 -19.76
CA SER B 254 -5.20 -33.56 -19.75
C SER B 254 -5.36 -34.65 -18.70
N SER B 255 -4.63 -34.48 -17.59
CA SER B 255 -4.75 -35.45 -16.49
C SER B 255 -6.14 -35.31 -15.90
N PRO B 256 -6.73 -36.43 -15.49
CA PRO B 256 -8.01 -36.40 -14.80
C PRO B 256 -7.85 -35.61 -13.51
N PRO B 257 -8.96 -35.21 -12.88
CA PRO B 257 -8.88 -34.47 -11.62
C PRO B 257 -8.17 -35.30 -10.55
N LEU B 258 -7.11 -34.76 -9.97
CA LEU B 258 -6.30 -35.47 -8.98
C LEU B 258 -7.13 -36.03 -7.84
N LEU B 259 -8.09 -35.26 -7.34
CA LEU B 259 -8.85 -35.64 -6.17
C LEU B 259 -9.90 -36.72 -6.44
N LYS B 260 -10.12 -37.10 -7.70
CA LYS B 260 -11.04 -38.18 -8.02
C LYS B 260 -10.30 -39.50 -8.21
N ASP B 261 -8.99 -39.47 -8.02
CA ASP B 261 -8.15 -40.65 -8.19
C ASP B 261 -8.66 -41.82 -7.34
N ALA B 262 -8.83 -42.99 -7.95
CA ALA B 262 -9.35 -44.16 -7.26
C ALA B 262 -8.51 -44.53 -6.06
N LEU B 263 -7.19 -44.64 -6.26
CA LEU B 263 -6.30 -45.07 -5.19
C LEU B 263 -6.29 -44.07 -4.04
N LEU B 264 -6.20 -42.79 -4.36
CA LEU B 264 -6.17 -41.76 -3.34
C LEU B 264 -7.44 -41.81 -2.50
N ASN B 265 -8.57 -42.04 -3.17
CA ASN B 265 -9.84 -42.15 -2.46
C ASN B 265 -9.91 -43.43 -1.63
N SER B 266 -9.35 -44.51 -2.16
CA SER B 266 -9.29 -45.78 -1.43
C SER B 266 -8.43 -45.66 -0.17
N LEU B 267 -7.27 -45.03 -0.30
CA LEU B 267 -6.43 -44.81 0.87
C LEU B 267 -7.16 -43.95 1.91
N GLY B 268 -7.87 -42.93 1.45
CA GLY B 268 -8.60 -42.09 2.38
C GLY B 268 -9.53 -42.89 3.28
N LYS B 269 -10.18 -43.89 2.70
CA LYS B 269 -11.11 -44.73 3.46
C LYS B 269 -10.42 -45.52 4.58
N ARG B 270 -9.15 -45.82 4.40
CA ARG B 270 -8.38 -46.52 5.42
C ARG B 270 -8.30 -45.72 6.71
N TYR B 271 -8.37 -44.39 6.57
CA TYR B 271 -8.13 -43.49 7.70
C TYR B 271 -9.34 -42.61 8.00
N ASN B 272 -10.45 -42.86 7.29
CA ASN B 272 -11.59 -41.95 7.28
C ASN B 272 -11.13 -40.52 6.98
N LYS B 273 -10.34 -40.38 5.91
CA LYS B 273 -9.87 -39.08 5.43
C LYS B 273 -10.23 -38.94 3.97
N THR B 274 -10.25 -37.71 3.47
CA THR B 274 -10.58 -37.47 2.08
C THR B 274 -9.31 -37.60 1.24
N ALA B 275 -9.48 -37.75 -0.07
CA ALA B 275 -8.33 -37.79 -0.96
C ALA B 275 -7.47 -36.54 -0.75
N ALA B 276 -8.13 -35.39 -0.57
CA ALA B 276 -7.40 -34.15 -0.34
C ALA B 276 -6.48 -34.28 0.89
N GLN B 277 -6.98 -34.86 1.96
CA GLN B 277 -6.16 -34.99 3.16
C GLN B 277 -5.02 -35.98 2.95
N ILE B 278 -5.27 -37.02 2.16
CA ILE B 278 -4.25 -37.98 1.83
C ILE B 278 -3.12 -37.33 1.02
N VAL B 279 -3.46 -36.56 -0.01
CA VAL B 279 -2.43 -35.95 -0.85
C VAL B 279 -1.59 -34.91 -0.07
N LEU B 280 -2.24 -34.19 0.84
CA LEU B 280 -1.51 -33.23 1.67
C LEU B 280 -0.61 -33.94 2.67
N ARG B 281 -1.13 -34.98 3.33
CA ARG B 281 -0.30 -35.77 4.26
C ARG B 281 0.93 -36.34 3.58
N PHE B 282 0.75 -36.86 2.36
CA PHE B 282 1.84 -37.40 1.55
C PHE B 282 3.00 -36.42 1.44
N ASN B 283 2.71 -35.18 1.04
CA ASN B 283 3.80 -34.23 0.87
C ASN B 283 4.42 -33.77 2.19
N ILE B 284 3.61 -33.49 3.21
CA ILE B 284 4.21 -33.01 4.46
C ILE B 284 5.03 -34.10 5.12
N GLN B 285 4.63 -35.36 4.93
CA GLN B 285 5.31 -36.47 5.57
C GLN B 285 6.71 -36.66 5.00
N ARG B 286 6.94 -36.19 3.78
CA ARG B 286 8.29 -36.27 3.23
C ARG B 286 9.02 -34.92 3.24
N GLY B 287 8.53 -33.99 4.06
CA GLY B 287 9.24 -32.76 4.34
C GLY B 287 8.98 -31.66 3.32
N VAL B 288 7.89 -31.81 2.58
CA VAL B 288 7.52 -30.84 1.54
C VAL B 288 6.41 -29.95 2.08
N VAL B 289 6.61 -28.64 2.02
CA VAL B 289 5.61 -27.69 2.50
C VAL B 289 4.42 -27.69 1.52
N VAL B 290 3.20 -27.63 2.03
CA VAL B 290 2.02 -27.65 1.15
C VAL B 290 1.22 -26.38 1.38
N ILE B 291 0.77 -25.74 0.30
CA ILE B 291 -0.01 -24.51 0.43
C ILE B 291 -1.35 -24.59 -0.30
N PRO B 292 -2.21 -25.54 0.10
CA PRO B 292 -3.53 -25.69 -0.53
C PRO B 292 -4.37 -24.41 -0.41
N LYS B 293 -5.03 -24.04 -1.49
CA LYS B 293 -5.97 -22.92 -1.45
C LYS B 293 -7.39 -23.42 -1.27
N SER B 294 -8.09 -22.85 -0.31
CA SER B 294 -9.55 -22.98 -0.20
C SER B 294 -10.14 -21.71 0.38
N PHE B 295 -11.18 -21.21 -0.25
CA PHE B 295 -11.94 -20.09 0.27
C PHE B 295 -13.28 -20.63 0.77
N ASN B 296 -13.29 -21.91 1.11
CA ASN B 296 -14.48 -22.57 1.66
C ASN B 296 -14.23 -22.96 3.12
N LEU B 297 -15.11 -22.52 4.01
CA LEU B 297 -14.93 -22.72 5.44
C LEU B 297 -14.68 -24.18 5.81
N GLU B 298 -15.50 -25.07 5.25
CA GLU B 298 -15.37 -26.48 5.57
C GLU B 298 -14.07 -27.07 5.03
N ARG B 299 -13.74 -26.77 3.78
CA ARG B 299 -12.56 -27.36 3.16
C ARG B 299 -11.26 -26.77 3.74
N ILE B 300 -11.31 -25.51 4.14
CA ILE B 300 -10.19 -24.91 4.88
C ILE B 300 -9.88 -25.72 6.14
N LYS B 301 -10.91 -26.05 6.90
CA LYS B 301 -10.71 -26.85 8.11
C LYS B 301 -10.25 -28.26 7.77
N GLU B 302 -10.92 -28.89 6.80
CA GLU B 302 -10.57 -30.23 6.35
C GLU B 302 -9.08 -30.36 6.01
N ASN B 303 -8.58 -29.42 5.21
CA ASN B 303 -7.20 -29.49 4.74
C ASN B 303 -6.16 -29.45 5.87
N PHE B 304 -6.55 -28.88 7.00
CA PHE B 304 -5.66 -28.73 8.14
C PHE B 304 -5.59 -29.99 9.03
N GLN B 305 -6.59 -30.86 8.91
CA GLN B 305 -6.66 -32.07 9.72
CA GLN B 305 -6.66 -32.07 9.72
C GLN B 305 -5.78 -33.16 9.15
N ILE B 306 -4.46 -32.92 9.15
CA ILE B 306 -3.50 -33.89 8.60
C ILE B 306 -2.40 -34.27 9.57
N PHE B 307 -2.60 -33.98 10.85
CA PHE B 307 -1.58 -34.28 11.85
C PHE B 307 -2.03 -35.38 12.80
N ASP B 308 -3.21 -35.93 12.56
CA ASP B 308 -3.76 -36.96 13.45
C ASP B 308 -3.69 -38.37 12.87
N PHE B 309 -2.96 -38.52 11.78
CA PHE B 309 -2.65 -39.83 11.23
C PHE B 309 -1.36 -39.72 10.46
N SER B 310 -0.88 -40.87 9.99
CA SER B 310 0.31 -40.91 9.17
C SER B 310 0.09 -41.99 8.11
N LEU B 311 0.87 -41.92 7.03
CA LEU B 311 0.82 -42.91 5.98
C LEU B 311 1.92 -43.93 6.25
N THR B 312 1.65 -45.20 6.03
CA THR B 312 2.71 -46.20 6.19
C THR B 312 3.76 -46.03 5.10
N GLU B 313 4.92 -46.62 5.31
CA GLU B 313 5.96 -46.66 4.29
C GLU B 313 5.43 -47.21 2.96
N GLU B 314 4.54 -48.19 3.03
CA GLU B 314 4.02 -48.80 1.81
C GLU B 314 3.04 -47.87 1.11
N GLU B 315 2.22 -47.19 1.89
CA GLU B 315 1.28 -46.23 1.34
C GLU B 315 2.00 -45.05 0.68
N MET B 316 3.07 -44.58 1.31
CA MET B 316 3.88 -43.52 0.68
C MET B 316 4.36 -43.97 -0.69
N LYS B 317 4.81 -45.22 -0.77
CA LYS B 317 5.23 -45.78 -2.06
C LYS B 317 4.08 -45.94 -3.05
N ASP B 318 2.90 -46.33 -2.56
CA ASP B 318 1.71 -46.43 -3.41
C ASP B 318 1.42 -45.09 -4.08
N ILE B 319 1.55 -44.02 -3.31
CA ILE B 319 1.24 -42.67 -3.80
C ILE B 319 2.32 -42.13 -4.73
N GLU B 320 3.58 -42.38 -4.37
CA GLU B 320 4.68 -42.01 -5.25
C GLU B 320 4.50 -42.65 -6.63
N ALA B 321 3.88 -43.82 -6.68
CA ALA B 321 3.73 -44.55 -7.93
C ALA B 321 2.65 -43.97 -8.82
N LEU B 322 1.90 -42.99 -8.32
CA LEU B 322 0.91 -42.29 -9.14
C LEU B 322 1.55 -41.26 -10.08
N ASN B 323 2.83 -40.97 -9.86
CA ASN B 323 3.53 -39.97 -10.67
C ASN B 323 3.35 -40.19 -12.18
N LYS B 324 2.80 -39.17 -12.85
CA LYS B 324 2.57 -39.23 -14.29
C LYS B 324 3.69 -38.49 -15.04
N ASN B 325 4.45 -37.67 -14.33
CA ASN B 325 5.43 -36.80 -14.97
C ASN B 325 4.73 -35.88 -15.98
N VAL B 326 3.50 -35.51 -15.65
CA VAL B 326 2.73 -34.52 -16.42
C VAL B 326 2.30 -33.36 -15.51
N ARG B 327 2.70 -32.14 -15.89
CA ARG B 327 2.34 -30.95 -15.11
C ARG B 327 0.93 -30.48 -15.43
N PHE B 328 0.20 -30.06 -14.41
CA PHE B 328 -1.03 -29.29 -14.61
C PHE B 328 -0.69 -27.86 -15.04
N VAL B 329 0.44 -27.35 -14.59
CA VAL B 329 0.82 -25.96 -14.86
C VAL B 329 2.04 -25.90 -15.77
N GLU B 330 1.80 -25.76 -17.07
CA GLU B 330 2.87 -25.90 -18.05
C GLU B 330 3.43 -24.55 -18.52
N LEU B 331 2.65 -23.49 -18.32
CA LEU B 331 3.04 -22.16 -18.74
C LEU B 331 3.45 -22.11 -20.22
N LEU B 332 2.71 -22.84 -21.05
CA LEU B 332 3.11 -23.04 -22.45
C LEU B 332 3.21 -21.75 -23.26
N MET B 333 2.50 -20.71 -22.81
CA MET B 333 2.51 -19.43 -23.49
C MET B 333 3.85 -18.70 -23.37
N TRP B 334 4.70 -19.16 -22.45
CA TRP B 334 6.03 -18.57 -22.29
C TRP B 334 7.13 -19.55 -22.67
N ARG B 335 6.77 -20.60 -23.40
CA ARG B 335 7.72 -21.67 -23.72
C ARG B 335 8.90 -21.18 -24.53
N ASP B 336 8.76 -20.03 -25.17
CA ASP B 336 9.84 -19.48 -26.00
C ASP B 336 10.79 -18.56 -25.23
N HIS B 337 10.48 -18.27 -23.96
CA HIS B 337 11.36 -17.44 -23.18
C HIS B 337 12.65 -18.20 -22.96
N PRO B 338 13.80 -17.54 -23.13
CA PRO B 338 15.10 -18.19 -22.95
C PRO B 338 15.26 -18.85 -21.58
N GLU B 339 14.59 -18.31 -20.57
CA GLU B 339 14.65 -18.90 -19.23
C GLU B 339 13.43 -19.76 -18.87
N TYR B 340 12.65 -20.16 -19.87
CA TYR B 340 11.53 -21.07 -19.63
C TYR B 340 12.06 -22.29 -18.86
N PRO B 341 11.45 -22.58 -17.69
CA PRO B 341 12.10 -23.58 -16.83
C PRO B 341 11.81 -25.04 -17.14
N PHE B 342 10.79 -25.34 -17.93
CA PHE B 342 10.30 -26.72 -18.03
C PHE B 342 10.77 -27.50 -19.27
N HIS B 343 11.68 -26.95 -20.07
CA HIS B 343 12.32 -27.72 -21.14
C HIS B 343 13.26 -28.79 -20.56
N ASP B 344 14.03 -28.42 -19.55
CA ASP B 344 14.99 -29.33 -18.93
C ASP B 344 14.28 -30.46 -18.22
N GLU B 345 14.92 -31.62 -18.13
CA GLU B 345 14.33 -32.76 -17.44
C GLU B 345 13.90 -32.36 -16.02
N TYR B 346 14.79 -31.64 -15.33
CA TYR B 346 14.45 -31.05 -14.04
C TYR B 346 15.38 -29.88 -13.72
PA NAP C . -1.19 31.00 3.27
O1A NAP C . -1.95 31.18 4.53
O2A NAP C . -0.15 29.77 3.38
O5B NAP C . -0.36 32.36 3.02
C5B NAP C . 0.16 32.40 1.70
C4B NAP C . 0.55 33.88 1.46
O4B NAP C . 1.35 34.35 2.56
C3B NAP C . 1.37 34.08 0.18
O3B NAP C . 0.94 35.31 -0.41
C2B NAP C . 2.82 34.20 0.70
O2B NAP C . 3.51 35.05 -0.19
C1B NAP C . 2.59 34.90 2.06
N9A NAP C . 3.57 34.55 3.09
C8A NAP C . 4.11 33.31 3.33
N7A NAP C . 4.87 33.35 4.39
C5A NAP C . 4.84 34.61 4.90
C6A NAP C . 5.45 35.25 6.00
N6A NAP C . 6.28 34.54 6.85
N1A NAP C . 5.20 36.54 6.22
C2A NAP C . 4.39 37.22 5.43
N3A NAP C . 3.82 36.67 4.39
C4A NAP C . 4.01 35.39 4.09
O3 NAP C . -2.23 30.92 2.01
PN NAP C . -2.51 29.55 1.18
O1N NAP C . -3.87 29.79 0.51
O2N NAP C . -1.44 29.40 0.07
O5D NAP C . -2.65 28.22 2.09
C5D NAP C . -1.43 27.46 2.10
C4D NAP C . -1.59 26.13 1.34
O4D NAP C . -2.77 25.36 1.78
C3D NAP C . -1.86 26.38 -0.16
O3D NAP C . -0.68 26.78 -0.87
C2D NAP C . -2.35 24.98 -0.56
O2D NAP C . -1.26 24.04 -0.60
C1D NAP C . -3.30 24.66 0.63
N1N NAP C . -4.68 25.07 0.35
C2N NAP C . -5.63 24.14 0.27
C3N NAP C . -6.97 24.47 0.06
C7N NAP C . -8.00 23.41 0.01
O7N NAP C . -9.14 23.68 -0.37
N7N NAP C . -7.71 22.18 0.49
C4N NAP C . -7.32 25.81 -0.08
C5N NAP C . -6.30 26.77 0.01
C6N NAP C . -4.99 26.35 0.23
P2B NAP C . 4.96 34.50 -0.63
O1X NAP C . 4.84 33.25 -1.43
O2X NAP C . 5.56 35.64 -1.59
O3X NAP C . 5.90 34.32 0.65
CL CL D . -7.47 16.18 -9.91
PA NAP E . -4.80 -26.14 -5.28
O1A NAP E . -3.96 -27.32 -5.58
O2A NAP E . -4.44 -25.62 -3.83
O5B NAP E . -6.34 -26.58 -5.36
C5B NAP E . -7.19 -25.42 -5.28
C4B NAP E . -8.58 -25.89 -5.70
O4B NAP E . -8.96 -27.00 -4.86
C3B NAP E . -9.68 -24.83 -5.53
O3B NAP E . -10.60 -25.06 -6.58
C2B NAP E . -10.37 -25.19 -4.20
O2B NAP E . -11.75 -24.87 -4.30
C1B NAP E . -10.23 -26.74 -4.23
N9A NAP E . -10.19 -27.37 -2.90
C8A NAP E . -9.49 -26.94 -1.82
N7A NAP E . -9.61 -27.79 -0.85
C5A NAP E . -10.39 -28.83 -1.25
C6A NAP E . -10.86 -30.01 -0.65
N6A NAP E . -10.47 -30.30 0.65
N1A NAP E . -11.64 -30.83 -1.35
C2A NAP E . -11.97 -30.55 -2.59
N3A NAP E . -11.55 -29.45 -3.20
C4A NAP E . -10.77 -28.57 -2.57
O3 NAP E . -4.59 -25.07 -6.48
PN NAP E . -3.69 -23.73 -6.34
O1N NAP E . -3.24 -23.44 -7.78
O2N NAP E . -4.52 -22.58 -5.76
O5D NAP E . -2.31 -23.92 -5.49
C5D NAP E . -2.44 -23.43 -4.16
C4D NAP E . -1.61 -22.15 -3.97
O4D NAP E . -0.29 -22.27 -4.54
C3D NAP E . -2.25 -21.00 -4.79
O3D NAP E . -3.42 -20.48 -4.15
C2D NAP E . -1.07 -20.00 -4.76
O2D NAP E . -0.98 -19.38 -3.47
C1D NAP E . 0.14 -20.94 -4.98
N1N NAP E . 0.58 -21.01 -6.39
C2N NAP E . 1.77 -20.57 -6.74
C3N NAP E . 2.22 -20.65 -8.06
C7N NAP E . 3.57 -20.18 -8.43
O7N NAP E . 3.87 -20.08 -9.61
N7N NAP E . 4.50 -19.97 -7.48
C4N NAP E . 1.39 -21.23 -9.02
C5N NAP E . 0.15 -21.69 -8.60
C6N NAP E . -0.22 -21.57 -7.28
P2B NAP E . -12.31 -24.10 -2.99
O1X NAP E . -11.59 -22.83 -2.77
O2X NAP E . -13.83 -23.71 -3.33
O3X NAP E . -12.22 -25.04 -1.68
CL CL F . 5.24 -8.05 -8.05
CL CL G . 0.26 -50.60 4.49
#